data_8QPR
#
_entry.id   8QPR
#
_cell.length_a   1.00
_cell.length_b   1.00
_cell.length_c   1.00
_cell.angle_alpha   90.00
_cell.angle_beta   90.00
_cell.angle_gamma   90.00
#
_symmetry.space_group_name_H-M   'P 1'
#
loop_
_entity.id
_entity.type
_entity.pdbx_description
1 polymer 'Spike glycoprotein,Fibritin'
2 polymer 'IgG light chain - FAB'
3 polymer 'IgG heavy chain - FAB'
4 branched 2-acetamido-2-deoxy-beta-D-glucopyranose-(1-4)-2-acetamido-2-deoxy-beta-D-glucopyranose
5 branched 2-acetamido-2-deoxy-beta-D-glucopyranose-(1-4)-[alpha-L-fucopyranose-(1-6)]2-acetamido-2-deoxy-beta-D-glucopyranose
#
loop_
_entity_poly.entity_id
_entity_poly.type
_entity_poly.pdbx_seq_one_letter_code
_entity_poly.pdbx_strand_id
1 'polypeptide(L)'
;MFVFLVLLPLVSSQCVNLTTRTQLPPAYTNSFTRGVYYPDKVFRSSVLHSTQDLFLPFFSNVTWFHAIHVSGTNGTKRFD
NPVLPFNDGVYFASTEKSNIIRGWIFGTTLDSKTQSLLIVNNATNVVIKVCEFQFCNDPFLGVYYHKNNKSWMESEFRVY
SSANNCTFEYVSQPFLMDLEGKQGNFKNLREFVFKNIDGYFKIYSKHTPINLVRDLPQGFSALEPLVDLPIGINITRFQT
LLALHRSYLTPGDSSSGWTAGAAAYYVGYLQPRTFLLKYNENGTITDAVDCALDPLSETKCTLKSFTVEKGIYQTSNFRV
QPTESIVRFPNITNLCPFGEVFNATRFASVYAWNRKRISNCVADYSVLYNSASFSTFKCYGVSPTKLNDLCFTNVYADSF
VIRGDEVRQIAPGQTGKIADYNYKLPDDFTGCVIAWNSNNLDSKVGGNYNYLYRLFRKSNLKPFERDISTEIYQAGSTPC
NGVEGFNCYFPLQSYGFQPTNGVGYQPYRVVVLSFELLHAPATVCGPKKSTNLVKNKCVNFNFNGLTGTGVLTESNKKFL
PFQQFGRDIADTTDAVRDPQTLEILDITPCSFGGVSVITPGTNTSNQVAVLYQDVNCTEVPVAIHADQLTPTWRVYSTGS
NVFQTRAGCLIGAEHVNNSYECDIPIGAGICASYQTQTNSPGSASSVASQSIIAYTMSLGAENSVAYSNNSIAIPTNFTI
SVTTEILPVSMTKTSVDCTMYICGDSTECSNLLLQYGSFCTQLNRALTGIAVEQDKNTQEVFAQVKQIYKTPPIKDFGGF
NFSQILPDPSKPSKRSPIEDLLFNKVTLADAGFIKQYGDCLGDIAARDLICAQKFNGLTVLPPLLTDEMIAQYTSALLAG
TITSGWTFGAGPALQIPFPMQMAYRFNGIGVTQNVLYENQKLIANQFNSAIGKIQDSLSSTPSALGKLQDVVNQNAQALN
TLVKQLSSNFGAISSVLNDILSRLDPPEAEVQIDRLITGRLQSLQTYVTQQLIRAAEIRASANLAATKMSECVLGQSKRV
DFCGKGYHLMSFPQSAPHGVVFLHVTYVPAQEKNFTTAPAICHDGKAHFPREGVFVSNGTHWFVTQRNFYEPQIITTDNT
FVSGNCDVVIGIVNNTVYDPLQPELDSFKEELDKYFKNHTSPDVDLGDISGINASVVNIQKEIDRLNEVAKNLNESLIDL
QELGKYEQGSGYIPEAPRDGQAYVRKDGEWVLLSTFLGRSLEVLFQGPGHHHHHHHHSAWSHPQFEKGGGSGGGGSGGSA
WSHPQFEK
;
A
2 'polypeptide(L)'
;QSVLTQPPSASGSPGQSVTISCTGTSNDVGGYNYVSWYQHHPGKAPKLMIYEVTKRPSGVPDRFSGSKSGNTASLTVSGL
QAEDEADYYCNSYAGSNNWVFGGGTKLTVLGQPKAAPSVTLFPPSSEELQANKATLVCLISDFYPGAVTVAWKADSSPVK
AGVETTTPSKQSNNKYAASSYLSLTPEQWKSHRSYSCQVTHEGSTVEKTVAPTECS
;
D
3 'polypeptide(L)'
;QVQLVQSGAEVKKPGASVKVSCRASGYTFTGYYIHWVRQAPGQGLEWMGWSSPISGATNYTQKFQGRVTLTTDTSINTAY
MELSRLRPDDTAVYYCARDIAFAIVTGSLDPWGQGTLVTVSSASTKGPSVFPLAPSSKSTSGGTAALGCLVKDYFPEPVT
VSWNSGALTSGVHTFPAVLQSSGLYSLSSVVTVPSSSLGTQTYICNVNHKPSNTKVDKRVEPKSCDKTH
;
E
#
# COMPACT_ATOMS: atom_id res chain seq x y z
N CYS A 15 8.65 -30.83 4.10
CA CYS A 15 8.13 -31.73 3.07
C CYS A 15 8.69 -33.14 3.26
N VAL A 16 8.49 -33.69 4.45
CA VAL A 16 8.98 -35.02 4.76
C VAL A 16 8.35 -36.04 3.83
N ASN A 17 9.11 -37.09 3.51
CA ASN A 17 8.63 -38.20 2.69
C ASN A 17 8.42 -39.40 3.60
N LEU A 18 7.15 -39.70 3.90
CA LEU A 18 6.81 -40.81 4.79
C LEU A 18 5.80 -41.76 4.16
N THR A 19 5.74 -41.79 2.82
CA THR A 19 4.83 -42.69 2.13
C THR A 19 5.20 -44.15 2.38
N THR A 20 4.20 -45.03 2.23
CA THR A 20 4.38 -46.43 2.56
C THR A 20 3.93 -47.36 1.45
N ARG A 21 2.95 -46.93 0.66
CA ARG A 21 2.51 -47.62 -0.56
C ARG A 21 2.02 -49.05 -0.27
N THR A 22 0.88 -49.12 0.41
CA THR A 22 0.18 -50.39 0.61
C THR A 22 -1.03 -50.54 -0.30
N GLN A 23 -1.96 -49.58 -0.28
CA GLN A 23 -3.07 -49.48 -1.23
C GLN A 23 -3.96 -50.73 -1.20
N LEU A 24 -4.65 -50.91 -0.06
CA LEU A 24 -5.66 -51.95 0.10
C LEU A 24 -7.03 -51.28 0.16
N PRO A 25 -7.68 -51.04 -0.97
CA PRO A 25 -8.92 -50.23 -0.98
C PRO A 25 -10.08 -50.87 -0.22
N PRO A 26 -10.50 -52.10 -0.60
CA PRO A 26 -11.89 -52.49 -0.28
C PRO A 26 -12.14 -52.78 1.19
N ALA A 27 -12.89 -51.89 1.84
CA ALA A 27 -13.33 -52.09 3.21
C ALA A 27 -14.61 -51.27 3.39
N TYR A 28 -15.74 -51.95 3.53
CA TYR A 28 -17.03 -51.28 3.51
C TYR A 28 -17.87 -51.73 4.70
N THR A 29 -18.70 -50.83 5.21
CA THR A 29 -19.55 -51.15 6.34
C THR A 29 -20.90 -50.47 6.21
N ASN A 30 -21.93 -51.10 6.78
CA ASN A 30 -23.29 -50.60 6.67
C ASN A 30 -23.54 -49.46 7.63
N SER A 31 -23.89 -48.30 7.11
CA SER A 31 -24.36 -47.20 7.95
C SER A 31 -25.87 -47.17 7.87
N PHE A 32 -26.53 -47.34 9.00
CA PHE A 32 -27.96 -47.54 9.03
C PHE A 32 -28.60 -46.77 10.18
N THR A 33 -29.67 -46.05 9.87
CA THR A 33 -30.39 -45.21 10.81
C THR A 33 -29.45 -44.23 11.49
N ARG A 34 -28.71 -43.50 10.67
CA ARG A 34 -27.59 -42.69 11.17
C ARG A 34 -27.44 -41.49 10.23
N GLY A 35 -27.54 -40.28 10.79
CA GLY A 35 -27.17 -39.09 10.03
C GLY A 35 -28.22 -38.04 9.76
N VAL A 36 -29.19 -37.88 10.65
CA VAL A 36 -30.33 -36.99 10.44
C VAL A 36 -30.14 -35.74 11.28
N TYR A 37 -30.00 -34.59 10.64
CA TYR A 37 -29.75 -33.34 11.35
C TYR A 37 -31.01 -32.48 11.41
N TYR A 38 -30.87 -31.28 11.97
CA TYR A 38 -32.00 -30.36 12.07
C TYR A 38 -32.00 -29.46 10.85
N PRO A 39 -32.96 -29.60 9.94
CA PRO A 39 -32.89 -28.84 8.68
C PRO A 39 -32.86 -27.33 8.87
N ASP A 40 -33.65 -26.77 9.78
CA ASP A 40 -33.65 -25.33 9.96
C ASP A 40 -34.12 -24.97 11.37
N LYS A 41 -33.85 -23.74 11.76
CA LYS A 41 -33.90 -23.31 13.16
C LYS A 41 -35.31 -22.91 13.52
N VAL A 42 -36.14 -23.90 13.87
CA VAL A 42 -37.53 -23.69 14.28
C VAL A 42 -37.84 -24.65 15.42
N PHE A 43 -38.86 -24.33 16.21
CA PHE A 43 -39.30 -25.17 17.31
C PHE A 43 -40.71 -25.66 17.02
N ARG A 44 -40.86 -26.97 16.86
CA ARG A 44 -42.17 -27.58 16.66
C ARG A 44 -42.34 -28.70 17.66
N SER A 45 -43.57 -28.89 18.14
CA SER A 45 -43.84 -29.84 19.21
C SER A 45 -44.90 -30.84 18.77
N SER A 46 -44.60 -32.12 18.93
CA SER A 46 -45.51 -33.23 18.63
C SER A 46 -46.03 -33.13 17.19
N VAL A 47 -45.11 -33.20 16.25
CA VAL A 47 -45.43 -32.99 14.84
C VAL A 47 -44.78 -34.10 14.02
N LEU A 48 -45.33 -34.32 12.83
CA LEU A 48 -44.70 -35.18 11.83
C LEU A 48 -44.46 -34.34 10.57
N HIS A 49 -43.24 -33.86 10.42
CA HIS A 49 -42.85 -32.95 9.37
C HIS A 49 -42.30 -33.73 8.18
N SER A 50 -42.29 -33.10 7.01
CA SER A 50 -41.81 -33.72 5.79
C SER A 50 -40.87 -32.77 5.08
N THR A 51 -39.72 -33.27 4.65
CA THR A 51 -38.72 -32.38 4.05
C THR A 51 -38.07 -33.07 2.85
N GLN A 52 -37.61 -32.25 1.91
CA GLN A 52 -36.91 -32.72 0.70
C GLN A 52 -35.56 -32.02 0.66
N ASP A 53 -34.50 -32.74 1.01
CA ASP A 53 -33.21 -32.09 1.21
C ASP A 53 -32.11 -33.15 1.18
N LEU A 54 -30.87 -32.69 1.40
CA LEU A 54 -29.70 -33.57 1.30
C LEU A 54 -29.52 -34.36 2.59
N PHE A 55 -29.74 -35.66 2.52
CA PHE A 55 -29.57 -36.55 3.66
C PHE A 55 -28.73 -37.75 3.23
N LEU A 56 -28.45 -38.63 4.18
CA LEU A 56 -27.71 -39.86 3.91
C LEU A 56 -28.69 -41.01 3.75
N PRO A 57 -28.68 -41.72 2.62
CA PRO A 57 -29.66 -42.81 2.45
C PRO A 57 -29.53 -43.85 3.53
N PHE A 58 -30.66 -44.31 4.04
CA PHE A 58 -30.66 -45.34 5.06
C PHE A 58 -30.08 -46.63 4.53
N PHE A 59 -29.41 -47.38 5.39
CA PHE A 59 -28.84 -48.68 5.06
C PHE A 59 -27.91 -48.59 3.86
N SER A 60 -26.88 -47.76 3.98
CA SER A 60 -25.99 -47.55 2.83
C SER A 60 -24.60 -48.08 3.15
N ASN A 61 -23.69 -47.89 2.21
CA ASN A 61 -22.31 -48.35 2.30
C ASN A 61 -21.39 -47.17 2.57
N VAL A 62 -20.77 -47.15 3.73
CA VAL A 62 -19.78 -46.13 4.04
C VAL A 62 -18.41 -46.80 4.06
N THR A 63 -17.39 -46.02 3.77
CA THR A 63 -16.04 -46.55 3.65
C THR A 63 -15.26 -46.35 4.93
N TRP A 64 -14.39 -47.32 5.23
CA TRP A 64 -13.71 -47.42 6.52
C TRP A 64 -12.22 -47.25 6.32
N PHE A 65 -11.76 -46.00 6.32
CA PHE A 65 -10.35 -45.74 6.13
C PHE A 65 -9.57 -46.10 7.39
N HIS A 66 -8.41 -46.71 7.18
CA HIS A 66 -7.59 -47.34 8.21
C HIS A 66 -6.14 -46.92 8.03
N ALA A 67 -5.91 -45.61 7.90
CA ALA A 67 -4.65 -45.07 7.40
C ALA A 67 -3.43 -45.65 8.13
N ILE A 68 -3.33 -45.41 9.43
CA ILE A 68 -2.24 -45.93 10.24
C ILE A 68 -2.65 -47.28 10.79
N HIS A 69 -1.76 -48.27 10.65
CA HIS A 69 -2.08 -49.63 11.03
C HIS A 69 -0.83 -50.34 11.50
N VAL A 70 -0.97 -51.16 12.54
CA VAL A 70 0.09 -52.06 12.96
C VAL A 70 0.09 -53.25 12.00
N SER A 71 1.13 -53.33 11.17
CA SER A 71 1.22 -54.39 10.17
C SER A 71 1.67 -55.68 10.86
N GLY A 72 2.08 -56.67 10.05
CA GLY A 72 2.49 -57.95 10.58
C GLY A 72 3.71 -57.89 11.48
N THR A 73 4.21 -59.06 11.88
CA THR A 73 5.32 -59.11 12.82
C THR A 73 6.55 -58.41 12.25
N ASN A 74 7.29 -57.73 13.13
CA ASN A 74 8.46 -56.95 12.75
C ASN A 74 8.11 -55.87 11.73
N GLY A 75 7.21 -54.97 12.13
CA GLY A 75 6.85 -53.85 11.29
C GLY A 75 5.50 -53.22 11.61
N THR A 76 5.46 -51.89 11.57
CA THR A 76 4.22 -51.12 11.74
C THR A 76 4.36 -49.85 10.91
N LYS A 77 3.87 -49.90 9.68
CA LYS A 77 4.04 -48.77 8.77
C LYS A 77 3.05 -48.88 7.62
N ARG A 78 2.07 -47.99 7.59
CA ARG A 78 1.33 -47.72 6.36
C ARG A 78 0.71 -46.34 6.46
N PHE A 79 0.60 -45.68 5.30
CA PHE A 79 0.13 -44.29 5.28
C PHE A 79 -0.48 -44.03 3.90
N ASP A 80 -1.81 -44.10 3.81
CA ASP A 80 -2.52 -43.99 2.55
C ASP A 80 -3.77 -43.11 2.69
N ASN A 81 -3.64 -41.94 3.31
CA ASN A 81 -4.81 -41.06 3.40
C ASN A 81 -4.85 -40.09 2.23
N PRO A 82 -5.63 -40.38 1.18
CA PRO A 82 -5.61 -39.52 -0.01
C PRO A 82 -6.69 -38.47 0.01
N VAL A 83 -6.68 -37.60 -0.99
CA VAL A 83 -7.80 -36.68 -1.18
C VAL A 83 -9.01 -37.47 -1.67
N LEU A 84 -10.20 -36.99 -1.31
CA LEU A 84 -11.42 -37.67 -1.69
C LEU A 84 -12.39 -36.72 -2.37
N PRO A 85 -13.26 -37.22 -3.23
CA PRO A 85 -14.24 -36.34 -3.86
C PRO A 85 -15.23 -35.78 -2.84
N PHE A 86 -15.50 -34.49 -2.96
CA PHE A 86 -16.45 -33.76 -2.11
C PHE A 86 -17.73 -33.53 -2.92
N ASN A 87 -18.56 -34.57 -3.02
CA ASN A 87 -19.79 -34.48 -3.80
C ASN A 87 -20.94 -34.01 -2.91
N ASP A 88 -21.30 -32.74 -3.02
CA ASP A 88 -22.52 -32.18 -2.46
C ASP A 88 -22.48 -32.05 -0.94
N GLY A 89 -21.46 -32.58 -0.30
CA GLY A 89 -21.40 -32.61 1.16
C GLY A 89 -20.86 -33.93 1.64
N VAL A 90 -20.57 -34.06 2.93
CA VAL A 90 -19.97 -35.31 3.41
C VAL A 90 -20.38 -35.57 4.85
N TYR A 91 -20.37 -36.85 5.23
CA TYR A 91 -20.63 -37.30 6.59
C TYR A 91 -19.38 -38.00 7.09
N PHE A 92 -18.82 -37.50 8.20
CA PHE A 92 -17.51 -37.91 8.67
C PHE A 92 -17.63 -38.39 10.11
N ALA A 93 -17.28 -39.65 10.37
CA ALA A 93 -17.48 -40.23 11.69
C ALA A 93 -16.17 -40.78 12.20
N SER A 94 -15.84 -40.47 13.46
CA SER A 94 -14.58 -40.88 14.05
C SER A 94 -14.80 -41.46 15.43
N THR A 95 -13.95 -42.43 15.78
CA THR A 95 -14.01 -43.10 17.08
C THR A 95 -12.57 -43.28 17.60
N GLU A 96 -12.13 -42.30 18.38
CA GLU A 96 -10.74 -42.27 18.83
C GLU A 96 -10.69 -42.09 20.34
N LYS A 97 -9.76 -42.82 20.97
CA LYS A 97 -9.57 -42.72 22.41
C LYS A 97 -8.74 -41.52 22.82
N SER A 98 -8.13 -40.82 21.86
CA SER A 98 -7.29 -39.67 22.16
C SER A 98 -7.55 -38.58 21.13
N ASN A 99 -6.82 -37.47 21.25
CA ASN A 99 -6.88 -36.39 20.27
C ASN A 99 -5.80 -36.65 19.21
N ILE A 100 -6.14 -37.52 18.28
CA ILE A 100 -5.21 -37.97 17.24
C ILE A 100 -5.47 -37.27 15.92
N ILE A 101 -6.73 -37.12 15.54
CA ILE A 101 -7.08 -36.36 14.34
C ILE A 101 -7.22 -34.89 14.71
N ARG A 102 -6.91 -34.00 13.77
CA ARG A 102 -6.92 -32.62 14.23
C ARG A 102 -7.76 -31.69 13.37
N GLY A 103 -7.77 -31.86 12.06
CA GLY A 103 -8.43 -30.89 11.23
C GLY A 103 -8.44 -31.31 9.77
N TRP A 104 -8.86 -30.37 8.94
CA TRP A 104 -9.08 -30.65 7.53
C TRP A 104 -8.60 -29.49 6.67
N ILE A 105 -8.39 -29.79 5.39
CA ILE A 105 -8.04 -28.82 4.37
C ILE A 105 -9.02 -28.98 3.22
N PHE A 106 -9.55 -27.86 2.74
CA PHE A 106 -10.49 -27.85 1.62
C PHE A 106 -10.00 -26.93 0.52
N GLY A 107 -10.19 -27.34 -0.73
CA GLY A 107 -9.81 -26.51 -1.85
C GLY A 107 -9.98 -27.26 -3.15
N THR A 108 -9.78 -26.54 -4.25
CA THR A 108 -9.92 -27.14 -5.56
C THR A 108 -8.64 -27.84 -5.99
N THR A 109 -7.54 -27.08 -6.14
CA THR A 109 -6.26 -27.64 -6.53
C THR A 109 -5.22 -27.59 -5.42
N LEU A 110 -5.47 -26.83 -4.36
CA LEU A 110 -4.68 -26.83 -3.14
C LEU A 110 -3.28 -26.23 -3.32
N ASP A 111 -3.03 -25.51 -4.42
CA ASP A 111 -1.71 -24.89 -4.59
C ASP A 111 -1.81 -23.59 -5.40
N SER A 112 -2.00 -22.48 -4.68
CA SER A 112 -1.89 -21.13 -5.24
C SER A 112 -2.75 -20.96 -6.49
N LYS A 113 -3.91 -21.57 -6.49
CA LYS A 113 -4.88 -21.36 -7.57
C LYS A 113 -6.26 -20.98 -7.05
N THR A 114 -6.69 -21.56 -5.92
CA THR A 114 -7.93 -21.19 -5.27
C THR A 114 -7.65 -21.08 -3.77
N GLN A 115 -8.26 -20.08 -3.13
CA GLN A 115 -8.02 -19.85 -1.71
C GLN A 115 -8.47 -21.05 -0.90
N SER A 116 -7.52 -21.78 -0.33
CA SER A 116 -7.85 -22.97 0.43
C SER A 116 -8.29 -22.61 1.84
N LEU A 117 -8.91 -23.58 2.50
CA LEU A 117 -9.47 -23.41 3.82
C LEU A 117 -8.84 -24.43 4.78
N LEU A 118 -8.39 -23.94 5.92
CA LEU A 118 -7.73 -24.75 6.94
C LEU A 118 -8.54 -24.71 8.22
N ILE A 119 -8.86 -25.88 8.76
CA ILE A 119 -9.48 -26.00 10.08
C ILE A 119 -8.57 -26.87 10.93
N VAL A 120 -8.03 -26.29 12.01
CA VAL A 120 -7.22 -27.03 12.97
C VAL A 120 -7.67 -26.64 14.37
N ASN A 121 -7.10 -27.31 15.37
CA ASN A 121 -7.39 -26.91 16.74
C ASN A 121 -6.33 -27.46 17.69
N ASN A 122 -6.09 -26.72 18.76
CA ASN A 122 -5.26 -27.18 19.87
C ASN A 122 -6.05 -28.11 20.77
N ALA A 123 -5.53 -28.34 21.97
CA ALA A 123 -6.33 -28.85 23.06
C ALA A 123 -7.22 -27.78 23.69
N THR A 124 -7.00 -26.50 23.38
CA THR A 124 -7.80 -25.43 23.99
C THR A 124 -8.32 -24.39 23.01
N ASN A 125 -7.88 -24.36 21.75
CA ASN A 125 -8.35 -23.36 20.80
C ASN A 125 -8.50 -23.99 19.42
N VAL A 126 -9.37 -23.37 18.61
CA VAL A 126 -9.65 -23.82 17.26
C VAL A 126 -9.40 -22.66 16.31
N VAL A 127 -8.86 -22.95 15.13
CA VAL A 127 -8.50 -21.93 14.16
C VAL A 127 -9.04 -22.32 12.79
N ILE A 128 -9.78 -21.39 12.17
CA ILE A 128 -10.26 -21.50 10.81
C ILE A 128 -9.66 -20.35 10.02
N LYS A 129 -9.07 -20.66 8.87
CA LYS A 129 -8.47 -19.61 8.06
C LYS A 129 -8.64 -19.92 6.58
N VAL A 130 -8.96 -18.90 5.79
CA VAL A 130 -9.05 -19.02 4.34
C VAL A 130 -7.96 -18.18 3.71
N CYS A 131 -6.98 -18.88 3.11
CA CYS A 131 -5.83 -18.23 2.50
C CYS A 131 -5.33 -19.06 1.32
N GLU A 132 -4.60 -18.39 0.43
CA GLU A 132 -4.03 -19.03 -0.77
C GLU A 132 -2.79 -19.81 -0.36
N PHE A 133 -3.02 -21.04 0.07
CA PHE A 133 -1.94 -21.90 0.50
C PHE A 133 -1.25 -22.57 -0.69
N GLN A 134 -0.08 -23.14 -0.42
CA GLN A 134 0.63 -24.02 -1.35
C GLN A 134 1.01 -25.25 -0.54
N PHE A 135 0.09 -26.21 -0.48
CA PHE A 135 0.31 -27.40 0.34
C PHE A 135 1.44 -28.25 -0.21
N CYS A 136 2.23 -28.79 0.71
CA CYS A 136 3.24 -29.78 0.36
C CYS A 136 2.54 -31.13 0.20
N ASN A 137 3.31 -32.21 0.13
CA ASN A 137 2.74 -33.54 -0.02
C ASN A 137 2.73 -34.25 1.33
N ASP A 138 1.62 -34.95 1.60
CA ASP A 138 1.37 -35.66 2.85
C ASP A 138 1.47 -34.73 4.06
N PRO A 139 0.54 -33.78 4.24
CA PRO A 139 0.58 -32.92 5.42
C PRO A 139 0.54 -33.70 6.73
N ARG A 158 4.59 -27.06 9.53
CA ARG A 158 5.05 -28.31 8.94
C ARG A 158 4.03 -28.84 7.94
N VAL A 159 2.96 -28.08 7.75
CA VAL A 159 1.82 -28.51 6.94
C VAL A 159 1.84 -27.85 5.56
N TYR A 160 2.05 -26.54 5.51
CA TYR A 160 2.15 -25.80 4.26
C TYR A 160 3.55 -25.25 4.09
N SER A 161 3.79 -24.64 2.93
CA SER A 161 5.09 -24.06 2.62
C SER A 161 5.08 -22.54 2.57
N SER A 162 3.93 -21.90 2.33
CA SER A 162 3.87 -20.45 2.27
C SER A 162 2.45 -19.99 2.51
N ALA A 163 2.33 -18.71 2.89
CA ALA A 163 1.04 -18.04 3.05
C ALA A 163 1.15 -16.64 2.47
N ASN A 164 -0.01 -16.06 2.14
CA ASN A 164 -0.04 -14.77 1.47
C ASN A 164 -1.28 -14.01 1.93
N ASN A 165 -1.63 -12.96 1.19
CA ASN A 165 -2.83 -12.19 1.51
C ASN A 165 -4.07 -13.07 1.46
N CYS A 166 -4.96 -12.90 2.43
CA CYS A 166 -6.10 -13.80 2.52
C CYS A 166 -7.21 -13.14 3.33
N THR A 167 -8.28 -13.89 3.58
CA THR A 167 -9.57 -13.24 3.83
C THR A 167 -10.06 -13.34 5.26
N PHE A 168 -10.22 -14.53 5.81
CA PHE A 168 -11.04 -14.72 7.01
C PHE A 168 -10.25 -15.39 8.12
N GLU A 169 -10.66 -15.12 9.36
CA GLU A 169 -10.09 -15.76 10.53
C GLU A 169 -11.19 -15.89 11.58
N TYR A 170 -10.94 -16.73 12.58
CA TYR A 170 -11.95 -17.01 13.60
C TYR A 170 -11.31 -17.78 14.73
N VAL A 171 -11.79 -17.55 15.95
CA VAL A 171 -11.29 -18.21 17.15
C VAL A 171 -12.48 -18.51 18.06
N SER A 172 -12.49 -19.72 18.64
CA SER A 172 -13.52 -20.10 19.60
C SER A 172 -13.01 -21.30 20.39
N GLN A 173 -13.90 -21.92 21.17
CA GLN A 173 -13.54 -23.09 21.95
C GLN A 173 -13.30 -24.28 21.02
N PRO A 174 -12.47 -25.24 21.44
CA PRO A 174 -12.23 -26.41 20.60
C PRO A 174 -13.46 -27.29 20.50
N PHE A 175 -13.57 -27.98 19.37
CA PHE A 175 -14.70 -28.85 19.08
C PHE A 175 -14.77 -30.03 20.06
N LYS A 187 -15.73 -45.35 25.91
CA LYS A 187 -15.22 -44.52 24.82
C LYS A 187 -16.31 -43.60 24.29
N ASN A 188 -16.03 -42.90 23.18
CA ASN A 188 -16.97 -41.96 22.61
C ASN A 188 -16.90 -42.02 21.10
N LEU A 189 -17.89 -41.41 20.46
CA LEU A 189 -18.01 -41.34 19.01
C LEU A 189 -18.32 -39.90 18.63
N ARG A 190 -17.64 -39.38 17.62
CA ARG A 190 -17.82 -38.00 17.20
C ARG A 190 -18.24 -37.97 15.74
N GLU A 191 -19.33 -37.27 15.44
CA GLU A 191 -19.85 -37.23 14.08
C GLU A 191 -19.98 -35.80 13.61
N PHE A 192 -19.60 -35.56 12.35
CA PHE A 192 -19.70 -34.26 11.72
C PHE A 192 -20.38 -34.39 10.37
N VAL A 193 -21.10 -33.34 9.98
CA VAL A 193 -21.70 -33.24 8.66
C VAL A 193 -21.32 -31.91 8.06
N PHE A 194 -20.74 -31.95 6.85
CA PHE A 194 -20.23 -30.77 6.16
C PHE A 194 -21.08 -30.49 4.93
N LYS A 195 -21.60 -29.26 4.83
CA LYS A 195 -22.33 -28.81 3.65
C LYS A 195 -21.78 -27.48 3.18
N ASN A 196 -21.89 -27.23 1.88
CA ASN A 196 -21.46 -25.96 1.30
C ASN A 196 -22.45 -25.54 0.23
N ILE A 197 -23.21 -24.48 0.49
CA ILE A 197 -24.19 -23.99 -0.47
C ILE A 197 -24.22 -22.47 -0.45
N ASP A 198 -24.34 -21.87 -1.64
CA ASP A 198 -24.66 -20.45 -1.80
C ASP A 198 -23.67 -19.57 -1.03
N GLY A 199 -22.39 -19.82 -1.24
CA GLY A 199 -21.37 -19.05 -0.54
C GLY A 199 -21.49 -19.17 0.97
N TYR A 200 -21.77 -20.36 1.46
CA TYR A 200 -21.92 -20.59 2.90
C TYR A 200 -21.43 -21.98 3.23
N PHE A 201 -20.64 -22.07 4.30
CA PHE A 201 -20.08 -23.33 4.78
C PHE A 201 -20.73 -23.66 6.11
N LYS A 202 -21.36 -24.82 6.20
CA LYS A 202 -22.11 -25.19 7.39
C LYS A 202 -21.57 -26.51 7.95
N ILE A 203 -21.36 -26.52 9.27
CA ILE A 203 -20.79 -27.66 9.97
C ILE A 203 -21.73 -28.00 11.13
N TYR A 204 -22.19 -29.26 11.17
CA TYR A 204 -23.00 -29.78 12.26
C TYR A 204 -22.26 -30.91 12.96
N SER A 205 -22.51 -31.09 14.26
CA SER A 205 -21.66 -31.96 15.06
C SER A 205 -22.45 -32.64 16.18
N LYS A 206 -21.92 -33.76 16.66
CA LYS A 206 -22.49 -34.43 17.83
C LYS A 206 -21.46 -35.37 18.46
N HIS A 207 -21.57 -35.52 19.78
CA HIS A 207 -20.68 -36.39 20.59
C HIS A 207 -21.53 -37.37 21.38
N THR A 208 -21.43 -38.67 21.07
CA THR A 208 -22.21 -39.68 21.77
C THR A 208 -21.30 -40.79 22.28
N PRO A 209 -21.34 -41.13 23.58
CA PRO A 209 -20.44 -42.14 24.12
C PRO A 209 -20.95 -43.57 23.98
N ILE A 210 -20.13 -44.44 23.37
CA ILE A 210 -20.40 -45.87 23.29
C ILE A 210 -19.14 -46.63 23.68
N ASN A 211 -19.32 -47.91 24.01
CA ASN A 211 -18.18 -48.78 24.24
C ASN A 211 -18.40 -50.21 23.75
N LEU A 212 -19.43 -50.47 22.93
CA LEU A 212 -19.80 -51.86 22.65
C LEU A 212 -18.87 -52.51 21.62
N VAL A 213 -18.86 -52.00 20.38
CA VAL A 213 -17.96 -52.52 19.33
C VAL A 213 -17.50 -51.35 18.47
N ARG A 214 -16.61 -51.66 17.53
CA ARG A 214 -16.04 -50.66 16.64
C ARG A 214 -17.01 -50.21 15.55
N ASP A 215 -18.04 -50.99 15.27
CA ASP A 215 -18.97 -50.68 14.20
C ASP A 215 -19.93 -49.58 14.63
N LEU A 216 -20.63 -49.03 13.67
CA LEU A 216 -21.58 -47.98 13.95
C LEU A 216 -22.77 -48.55 14.71
N PRO A 217 -23.11 -48.01 15.87
CA PRO A 217 -24.19 -48.60 16.66
C PRO A 217 -25.54 -48.43 15.99
N GLN A 218 -26.45 -49.35 16.30
CA GLN A 218 -27.85 -49.16 15.98
C GLN A 218 -28.48 -48.23 17.01
N GLY A 219 -29.39 -47.40 16.57
CA GLY A 219 -29.98 -46.40 17.42
C GLY A 219 -30.09 -45.10 16.67
N PHE A 220 -30.46 -44.03 17.37
CA PHE A 220 -30.73 -42.78 16.69
C PHE A 220 -30.33 -41.58 17.53
N SER A 221 -29.80 -40.56 16.86
CA SER A 221 -29.45 -39.30 17.51
C SER A 221 -29.27 -38.22 16.45
N ALA A 222 -29.98 -37.10 16.63
CA ALA A 222 -29.91 -35.98 15.72
C ALA A 222 -28.65 -35.16 15.95
N LEU A 223 -28.29 -34.34 14.96
CA LEU A 223 -27.08 -33.53 15.01
C LEU A 223 -27.45 -32.06 15.00
N GLU A 224 -27.09 -31.36 16.04
CA GLU A 224 -27.44 -29.96 16.26
C GLU A 224 -26.49 -29.03 15.50
N PRO A 225 -26.94 -27.85 15.09
CA PRO A 225 -26.09 -26.99 14.26
C PRO A 225 -24.99 -26.33 15.06
N LEU A 226 -23.83 -26.17 14.41
CA LEU A 226 -22.65 -25.62 15.07
C LEU A 226 -22.13 -24.35 14.42
N VAL A 227 -21.84 -24.34 13.13
CA VAL A 227 -21.12 -23.21 12.51
C VAL A 227 -21.66 -22.93 11.11
N ASP A 228 -21.75 -21.64 10.76
CA ASP A 228 -22.38 -21.15 9.54
C ASP A 228 -21.52 -20.09 8.85
N LEU A 229 -20.26 -20.42 8.59
CA LEU A 229 -19.30 -19.45 8.09
C LEU A 229 -19.67 -18.93 6.70
N PRO A 230 -19.56 -17.62 6.46
CA PRO A 230 -19.56 -17.11 5.07
C PRO A 230 -18.16 -17.03 4.48
N ILE A 231 -17.88 -17.74 3.39
CA ILE A 231 -16.58 -17.65 2.75
C ILE A 231 -16.72 -17.31 1.26
N GLY A 232 -17.54 -18.09 0.55
CA GLY A 232 -17.78 -17.83 -0.86
C GLY A 232 -16.85 -18.51 -1.83
N ILE A 233 -15.88 -19.30 -1.37
CA ILE A 233 -15.00 -20.04 -2.26
C ILE A 233 -15.74 -21.26 -2.78
N ASN A 234 -15.17 -21.92 -3.78
CA ASN A 234 -15.72 -23.17 -4.29
C ASN A 234 -14.79 -24.32 -3.94
N ILE A 235 -15.38 -25.47 -3.57
CA ILE A 235 -14.64 -26.62 -3.06
C ILE A 235 -15.08 -27.86 -3.82
N THR A 236 -14.11 -28.70 -4.21
CA THR A 236 -14.47 -29.99 -4.77
C THR A 236 -13.55 -31.14 -4.38
N ARG A 237 -12.56 -30.93 -3.50
CA ARG A 237 -11.79 -32.03 -2.94
C ARG A 237 -11.32 -31.64 -1.53
N PHE A 238 -11.04 -32.65 -0.71
CA PHE A 238 -10.65 -32.40 0.66
C PHE A 238 -9.70 -33.49 1.12
N GLN A 239 -9.00 -33.22 2.22
CA GLN A 239 -8.02 -34.15 2.77
C GLN A 239 -7.92 -33.92 4.27
N THR A 240 -7.89 -35.02 5.02
CA THR A 240 -7.82 -34.98 6.48
C THR A 240 -6.38 -34.94 6.96
N LEU A 241 -6.20 -34.53 8.22
CA LEU A 241 -4.89 -34.51 8.83
C LEU A 241 -4.97 -34.92 10.29
N LEU A 242 -3.98 -35.70 10.72
CA LEU A 242 -3.95 -36.27 12.05
C LEU A 242 -2.54 -36.15 12.59
N ALA A 243 -2.43 -36.09 13.91
CA ALA A 243 -1.12 -35.98 14.54
C ALA A 243 -1.05 -36.84 15.78
N ALA A 262 -3.33 -47.17 15.61
CA ALA A 262 -4.05 -47.27 14.35
C ALA A 262 -5.20 -46.28 14.31
N ALA A 263 -5.34 -45.60 13.17
CA ALA A 263 -6.35 -44.56 13.00
C ALA A 263 -7.43 -45.06 12.05
N ALA A 264 -8.69 -44.89 12.44
CA ALA A 264 -9.82 -45.37 11.68
C ALA A 264 -10.89 -44.30 11.62
N TYR A 265 -11.44 -44.05 10.43
CA TYR A 265 -12.58 -43.16 10.34
C TYR A 265 -13.45 -43.57 9.18
N TYR A 266 -14.76 -43.33 9.31
CA TYR A 266 -15.73 -43.72 8.30
C TYR A 266 -16.21 -42.50 7.55
N VAL A 267 -16.33 -42.63 6.24
CA VAL A 267 -16.75 -41.52 5.38
C VAL A 267 -17.90 -41.96 4.50
N GLY A 268 -18.93 -41.10 4.40
CA GLY A 268 -20.06 -41.38 3.53
C GLY A 268 -20.52 -40.11 2.85
N TYR A 269 -21.28 -40.29 1.77
CA TYR A 269 -21.63 -39.18 0.88
C TYR A 269 -23.13 -38.89 0.93
N LEU A 270 -23.47 -37.64 0.69
CA LEU A 270 -24.84 -37.16 0.82
C LEU A 270 -25.56 -37.18 -0.51
N GLN A 271 -26.87 -37.39 -0.46
CA GLN A 271 -27.72 -37.41 -1.65
C GLN A 271 -29.05 -36.74 -1.32
N PRO A 272 -29.74 -36.24 -2.34
CA PRO A 272 -31.06 -35.62 -2.09
C PRO A 272 -32.14 -36.67 -1.91
N ARG A 273 -32.93 -36.53 -0.84
CA ARG A 273 -34.00 -37.47 -0.54
C ARG A 273 -35.16 -36.73 0.08
N THR A 274 -36.18 -37.48 0.50
CA THR A 274 -37.41 -36.96 1.08
C THR A 274 -37.68 -37.69 2.39
N PHE A 275 -37.37 -37.04 3.51
CA PHE A 275 -37.49 -37.67 4.82
C PHE A 275 -38.76 -37.23 5.51
N LEU A 276 -39.22 -38.04 6.45
CA LEU A 276 -40.30 -37.70 7.36
C LEU A 276 -39.78 -37.77 8.77
N LEU A 277 -39.96 -36.70 9.54
CA LEU A 277 -39.34 -36.53 10.84
C LEU A 277 -40.40 -36.40 11.92
N LYS A 278 -40.11 -36.94 13.10
CA LYS A 278 -41.07 -36.95 14.20
C LYS A 278 -40.55 -36.10 15.35
N TYR A 279 -41.14 -34.93 15.54
CA TYR A 279 -40.78 -34.04 16.63
C TYR A 279 -41.62 -34.39 17.84
N ASN A 280 -40.98 -34.57 19.00
CA ASN A 280 -41.68 -34.91 20.23
C ASN A 280 -42.06 -33.65 20.99
N GLU A 281 -42.43 -33.85 22.26
CA GLU A 281 -43.04 -32.78 23.04
C GLU A 281 -42.13 -31.59 23.25
N ASN A 282 -40.82 -31.78 23.31
CA ASN A 282 -39.91 -30.68 23.62
C ASN A 282 -39.21 -30.08 22.41
N GLY A 283 -39.30 -30.72 21.25
CA GLY A 283 -38.67 -30.22 20.06
C GLY A 283 -37.37 -30.89 19.66
N THR A 284 -37.24 -32.19 19.91
CA THR A 284 -36.05 -32.96 19.54
C THR A 284 -36.46 -34.07 18.61
N ILE A 285 -35.79 -34.18 17.47
CA ILE A 285 -36.12 -35.21 16.49
C ILE A 285 -35.87 -36.57 17.12
N THR A 286 -36.94 -37.32 17.37
CA THR A 286 -36.82 -38.62 18.00
C THR A 286 -36.74 -39.76 17.00
N ASP A 287 -37.44 -39.67 15.88
CA ASP A 287 -37.45 -40.76 14.92
C ASP A 287 -37.65 -40.20 13.53
N ALA A 288 -37.27 -40.99 12.53
CA ALA A 288 -37.39 -40.55 11.14
C ALA A 288 -37.63 -41.77 10.27
N VAL A 289 -38.20 -41.52 9.10
CA VAL A 289 -38.41 -42.58 8.12
C VAL A 289 -38.04 -42.05 6.75
N ASP A 290 -37.42 -42.92 5.95
CA ASP A 290 -36.89 -42.57 4.65
C ASP A 290 -37.84 -43.07 3.58
N CYS A 291 -38.27 -42.17 2.71
CA CYS A 291 -39.09 -42.54 1.58
C CYS A 291 -38.24 -43.31 0.58
N ALA A 292 -38.87 -43.84 -0.45
CA ALA A 292 -38.17 -44.42 -1.61
C ALA A 292 -37.20 -45.54 -1.21
N LEU A 293 -37.40 -46.19 -0.07
CA LEU A 293 -36.60 -47.35 0.30
C LEU A 293 -37.33 -48.65 0.00
N ASP A 294 -38.52 -48.83 0.56
CA ASP A 294 -39.39 -49.96 0.31
C ASP A 294 -40.76 -49.44 -0.10
N PRO A 295 -41.59 -50.29 -0.71
CA PRO A 295 -43.01 -49.94 -0.82
C PRO A 295 -43.65 -49.62 0.52
N LEU A 296 -43.26 -50.35 1.58
CA LEU A 296 -43.82 -50.11 2.91
C LEU A 296 -43.54 -48.69 3.38
N SER A 297 -42.27 -48.28 3.36
CA SER A 297 -41.94 -46.93 3.81
C SER A 297 -42.50 -45.89 2.88
N GLU A 298 -42.68 -46.21 1.60
CA GLU A 298 -43.31 -45.26 0.69
C GLU A 298 -44.77 -45.02 1.08
N THR A 299 -45.48 -46.07 1.47
CA THR A 299 -46.83 -45.88 2.01
C THR A 299 -46.79 -45.12 3.34
N LYS A 300 -45.78 -45.41 4.18
CA LYS A 300 -45.63 -44.65 5.42
C LYS A 300 -45.51 -43.17 5.14
N CYS A 301 -44.74 -42.81 4.11
CA CYS A 301 -44.61 -41.41 3.72
C CYS A 301 -45.95 -40.85 3.24
N THR A 302 -46.59 -41.55 2.30
CA THR A 302 -47.80 -41.00 1.68
C THR A 302 -48.92 -40.82 2.69
N LEU A 303 -49.10 -41.81 3.58
CA LEU A 303 -50.13 -41.69 4.61
C LEU A 303 -49.76 -40.73 5.72
N LYS A 304 -48.50 -40.28 5.76
CA LYS A 304 -48.04 -39.26 6.73
C LYS A 304 -48.33 -39.68 8.16
N SER A 305 -48.07 -40.94 8.48
CA SER A 305 -48.21 -41.42 9.85
C SER A 305 -47.36 -42.67 10.02
N PHE A 306 -47.03 -42.96 11.28
CA PHE A 306 -46.24 -44.14 11.61
C PHE A 306 -47.15 -45.33 11.89
N PRO A 322 -54.05 -1.87 16.73
CA PRO A 322 -52.70 -1.32 16.64
C PRO A 322 -52.60 0.08 17.21
N THR A 323 -51.60 0.34 18.05
CA THR A 323 -51.39 1.68 18.57
C THR A 323 -50.08 2.29 18.08
N GLU A 324 -48.95 1.64 18.31
CA GLU A 324 -47.66 2.21 17.95
C GLU A 324 -46.82 1.16 17.24
N SER A 325 -45.53 1.44 17.11
CA SER A 325 -44.58 0.56 16.45
C SER A 325 -43.66 -0.10 17.47
N ILE A 326 -43.05 -1.20 17.04
CA ILE A 326 -42.01 -1.89 17.80
C ILE A 326 -40.97 -2.40 16.83
N VAL A 327 -39.71 -2.07 17.09
CA VAL A 327 -38.57 -2.62 16.35
C VAL A 327 -37.55 -3.11 17.38
N ARG A 328 -37.07 -4.34 17.21
CA ARG A 328 -36.15 -4.93 18.16
C ARG A 328 -35.09 -5.72 17.41
N PHE A 329 -33.84 -5.32 17.57
CA PHE A 329 -32.69 -5.86 16.87
C PHE A 329 -31.60 -6.18 17.89
N PRO A 330 -30.62 -7.01 17.53
CA PRO A 330 -29.59 -7.38 18.50
C PRO A 330 -28.73 -6.21 18.95
N ASN A 331 -27.83 -6.46 19.91
CA ASN A 331 -26.91 -5.45 20.39
C ASN A 331 -26.02 -4.96 19.26
N ILE A 332 -25.25 -3.91 19.55
CA ILE A 332 -24.22 -3.41 18.66
C ILE A 332 -22.88 -3.83 19.26
N THR A 333 -22.29 -4.88 18.71
CA THR A 333 -21.13 -5.53 19.31
C THR A 333 -19.81 -5.14 18.65
N ASN A 334 -19.68 -5.38 17.34
CA ASN A 334 -18.41 -5.24 16.65
C ASN A 334 -18.34 -3.86 15.98
N LEU A 335 -17.75 -2.91 16.69
CA LEU A 335 -17.50 -1.62 16.07
C LEU A 335 -16.38 -1.73 15.04
N CYS A 336 -16.35 -0.78 14.12
CA CYS A 336 -15.45 -0.85 12.98
C CYS A 336 -14.28 0.11 13.16
N PRO A 337 -13.05 -0.32 12.89
CA PRO A 337 -11.86 0.45 13.29
C PRO A 337 -11.51 1.61 12.35
N PHE A 338 -12.32 2.66 12.40
CA PHE A 338 -11.96 3.91 11.73
C PHE A 338 -11.18 4.85 12.64
N GLY A 339 -10.85 4.43 13.86
CA GLY A 339 -10.02 5.23 14.73
C GLY A 339 -8.54 5.13 14.47
N GLU A 340 -8.13 4.38 13.45
CA GLU A 340 -6.72 4.22 13.10
C GLU A 340 -6.31 5.13 11.95
N VAL A 341 -7.00 5.04 10.82
CA VAL A 341 -6.61 5.85 9.66
C VAL A 341 -6.84 7.33 9.94
N PHE A 342 -7.91 7.66 10.65
CA PHE A 342 -8.22 9.06 10.92
C PHE A 342 -7.50 9.60 12.14
N ASN A 343 -6.59 8.83 12.74
CA ASN A 343 -5.91 9.27 13.94
C ASN A 343 -4.41 9.01 13.95
N ALA A 344 -3.86 8.31 12.96
CA ALA A 344 -2.45 7.97 12.95
C ALA A 344 -1.58 9.18 12.73
N THR A 345 -0.26 8.99 12.64
CA THR A 345 0.69 10.10 12.60
C THR A 345 1.72 10.03 11.46
N ARG A 346 1.91 8.88 10.84
CA ARG A 346 2.96 8.72 9.84
C ARG A 346 2.42 8.38 8.45
N PHE A 347 1.32 9.02 8.02
CA PHE A 347 0.53 8.52 6.89
C PHE A 347 1.31 8.06 5.66
N ALA A 348 1.95 8.97 4.93
CA ALA A 348 2.51 8.59 3.64
C ALA A 348 3.21 9.79 3.01
N SER A 349 3.85 9.53 1.87
CA SER A 349 4.15 10.57 0.91
C SER A 349 3.19 10.44 -0.26
N VAL A 350 3.26 11.37 -1.20
CA VAL A 350 2.24 11.45 -2.23
C VAL A 350 2.27 10.26 -3.18
N TYR A 351 3.43 9.68 -3.43
CA TYR A 351 3.55 8.64 -4.44
C TYR A 351 3.59 7.23 -3.86
N ALA A 352 3.50 7.07 -2.54
CA ALA A 352 3.52 5.75 -1.93
C ALA A 352 2.30 5.57 -1.03
N TRP A 353 1.12 5.89 -1.55
CA TRP A 353 -0.10 5.84 -0.75
C TRP A 353 -0.38 4.43 -0.29
N ASN A 354 -0.81 4.29 0.96
CA ASN A 354 -1.16 3.00 1.51
C ASN A 354 -2.51 2.54 1.00
N ARG A 355 -2.89 1.31 1.36
CA ARG A 355 -4.21 0.78 1.03
C ARG A 355 -4.63 -0.14 2.17
N LYS A 356 -5.65 0.27 2.92
CA LYS A 356 -6.16 -0.50 4.04
C LYS A 356 -7.48 -1.14 3.66
N ARG A 357 -7.61 -2.43 3.93
CA ARG A 357 -8.80 -3.21 3.62
C ARG A 357 -9.58 -3.45 4.90
N ILE A 358 -10.86 -3.10 4.91
CA ILE A 358 -11.69 -3.26 6.09
C ILE A 358 -12.84 -4.20 5.76
N SER A 359 -13.05 -5.19 6.63
CA SER A 359 -14.13 -6.15 6.41
C SER A 359 -14.58 -6.71 7.75
N ASN A 360 -15.81 -7.25 7.75
CA ASN A 360 -16.39 -7.91 8.92
C ASN A 360 -16.51 -6.96 10.11
N CYS A 361 -17.22 -5.85 9.88
CA CYS A 361 -17.38 -4.84 10.92
C CYS A 361 -18.72 -4.16 10.76
N VAL A 362 -19.14 -3.49 11.82
CA VAL A 362 -20.32 -2.62 11.79
C VAL A 362 -19.80 -1.19 11.83
N ALA A 363 -19.98 -0.46 10.74
CA ALA A 363 -19.42 0.87 10.57
C ALA A 363 -20.52 1.90 10.67
N ASP A 364 -20.36 2.86 11.57
CA ASP A 364 -21.27 3.99 11.71
C ASP A 364 -20.58 5.24 11.19
N TYR A 365 -21.20 5.89 10.20
CA TYR A 365 -20.59 7.04 9.56
C TYR A 365 -21.07 8.36 10.15
N SER A 366 -22.13 8.32 10.97
CA SER A 366 -22.69 9.55 11.51
C SER A 366 -21.69 10.26 12.42
N VAL A 367 -20.81 9.51 13.08
CA VAL A 367 -19.80 10.13 13.92
C VAL A 367 -18.81 10.94 13.09
N LEU A 368 -18.68 10.63 11.80
CA LEU A 368 -17.66 11.28 10.99
C LEU A 368 -18.08 12.67 10.55
N TYR A 369 -19.27 12.80 9.93
CA TYR A 369 -19.65 14.09 9.38
C TYR A 369 -19.79 15.15 10.47
N ASN A 370 -20.34 14.77 11.62
CA ASN A 370 -20.57 15.74 12.68
C ASN A 370 -19.28 16.21 13.36
N SER A 371 -18.15 15.56 13.08
CA SER A 371 -16.94 15.86 13.81
C SER A 371 -16.49 17.31 13.64
N ALA A 372 -16.96 17.99 12.60
CA ALA A 372 -16.73 19.41 12.35
C ALA A 372 -15.27 19.73 12.10
N SER A 373 -14.37 18.75 12.14
CA SER A 373 -12.95 18.98 11.90
C SER A 373 -12.59 18.95 10.44
N PHE A 374 -13.53 18.66 9.56
CA PHE A 374 -13.24 18.47 8.15
C PHE A 374 -13.66 19.71 7.37
N SER A 375 -12.90 19.99 6.31
CA SER A 375 -13.19 21.12 5.44
C SER A 375 -13.43 20.70 4.00
N THR A 376 -13.60 19.41 3.75
CA THR A 376 -13.93 18.92 2.41
C THR A 376 -14.47 17.51 2.59
N PHE A 377 -15.74 17.31 2.26
CA PHE A 377 -16.38 16.03 2.54
C PHE A 377 -17.25 15.63 1.36
N LYS A 378 -16.77 15.94 0.15
CA LYS A 378 -17.52 15.67 -1.06
C LYS A 378 -17.77 14.17 -1.24
N CYS A 379 -18.60 13.84 -2.23
CA CYS A 379 -19.07 12.47 -2.41
C CYS A 379 -19.47 12.27 -3.86
N TYR A 380 -19.60 11.01 -4.24
CA TYR A 380 -19.93 10.65 -5.62
C TYR A 380 -20.81 9.41 -5.63
N GLY A 381 -22.07 9.58 -6.01
CA GLY A 381 -22.98 8.47 -6.18
C GLY A 381 -23.31 7.71 -4.92
N VAL A 382 -23.28 8.37 -3.76
CA VAL A 382 -23.61 7.73 -2.50
C VAL A 382 -24.79 8.41 -1.81
N SER A 383 -24.90 9.74 -1.90
CA SER A 383 -25.91 10.51 -1.20
C SER A 383 -25.78 10.27 0.30
N PRO A 384 -24.76 10.85 0.95
CA PRO A 384 -24.35 10.45 2.30
C PRO A 384 -25.47 10.10 3.26
N THR A 385 -26.46 10.97 3.41
CA THR A 385 -27.51 10.67 4.38
C THR A 385 -28.55 9.77 3.70
N LYS A 386 -28.06 8.71 3.06
CA LYS A 386 -28.89 7.60 2.61
C LYS A 386 -28.23 6.25 2.78
N LEU A 387 -26.91 6.19 2.94
CA LEU A 387 -26.15 4.95 2.83
C LEU A 387 -26.30 4.05 4.04
N ASN A 388 -26.78 4.57 5.17
CA ASN A 388 -26.61 3.89 6.44
C ASN A 388 -27.33 2.55 6.47
N ASP A 389 -28.24 2.30 5.52
CA ASP A 389 -28.96 1.04 5.44
C ASP A 389 -28.45 0.14 4.31
N LEU A 390 -27.18 0.28 3.92
CA LEU A 390 -26.61 -0.50 2.83
C LEU A 390 -25.48 -1.38 3.34
N CYS A 391 -25.30 -2.52 2.68
CA CYS A 391 -24.20 -3.42 2.97
C CYS A 391 -23.43 -3.75 1.71
N PHE A 392 -22.10 -3.60 1.78
CA PHE A 392 -21.18 -3.88 0.68
C PHE A 392 -20.36 -5.12 1.03
N THR A 393 -19.37 -5.41 0.20
CA THR A 393 -18.48 -6.55 0.42
C THR A 393 -17.07 -6.15 0.80
N ASN A 394 -16.53 -5.08 0.20
CA ASN A 394 -15.19 -4.62 0.51
C ASN A 394 -15.17 -3.10 0.58
N VAL A 395 -14.42 -2.58 1.55
CA VAL A 395 -14.18 -1.15 1.66
C VAL A 395 -12.69 -0.91 1.79
N TYR A 396 -12.16 -0.01 0.97
CA TYR A 396 -10.74 0.32 0.94
C TYR A 396 -10.55 1.77 1.37
N ALA A 397 -9.44 2.01 2.06
CA ALA A 397 -9.06 3.35 2.50
C ALA A 397 -7.65 3.65 2.01
N ASP A 398 -7.49 4.81 1.36
CA ASP A 398 -6.19 5.32 0.96
C ASP A 398 -5.91 6.60 1.73
N SER A 399 -4.63 6.91 1.94
CA SER A 399 -4.29 8.09 2.72
C SER A 399 -2.94 8.64 2.29
N PHE A 400 -2.82 9.97 2.29
CA PHE A 400 -1.56 10.62 1.97
C PHE A 400 -1.64 12.10 2.36
N VAL A 401 -0.59 12.85 2.03
CA VAL A 401 -0.49 14.26 2.39
C VAL A 401 -0.06 15.04 1.15
N ILE A 402 -0.81 16.08 0.79
CA ILE A 402 -0.50 16.87 -0.39
C ILE A 402 -0.56 18.35 -0.03
N ARG A 403 -0.09 19.17 -0.95
CA ARG A 403 -0.06 20.62 -0.73
C ARG A 403 -1.49 21.14 -0.74
N GLY A 404 -1.65 22.43 -0.43
CA GLY A 404 -2.96 22.98 -0.15
C GLY A 404 -3.96 22.96 -1.29
N ASP A 405 -3.70 23.70 -2.36
CA ASP A 405 -4.70 23.86 -3.42
C ASP A 405 -4.63 22.74 -4.45
N GLU A 406 -4.61 21.50 -3.97
CA GLU A 406 -4.76 20.34 -4.84
C GLU A 406 -5.81 19.37 -4.36
N VAL A 407 -6.53 19.70 -3.27
CA VAL A 407 -7.66 18.90 -2.86
C VAL A 407 -8.75 18.95 -3.92
N ARG A 408 -8.71 19.95 -4.79
CA ARG A 408 -9.58 20.03 -5.95
C ARG A 408 -9.06 19.22 -7.14
N GLN A 409 -8.12 18.31 -6.93
CA GLN A 409 -7.63 17.46 -7.99
C GLN A 409 -7.84 15.98 -7.70
N ILE A 410 -8.43 15.64 -6.55
CA ILE A 410 -8.80 14.26 -6.24
C ILE A 410 -10.28 14.16 -6.55
N ALA A 411 -10.60 13.72 -7.77
CA ALA A 411 -11.94 13.78 -8.30
C ALA A 411 -12.02 12.90 -9.54
N PRO A 412 -13.17 12.79 -10.20
CA PRO A 412 -13.19 12.14 -11.51
C PRO A 412 -12.29 12.85 -12.52
N GLY A 413 -12.21 12.32 -13.75
CA GLY A 413 -11.14 12.65 -14.68
C GLY A 413 -10.72 14.10 -14.73
N GLN A 414 -9.48 14.34 -14.31
CA GLN A 414 -8.91 15.68 -14.21
C GLN A 414 -7.40 15.55 -14.35
N THR A 415 -6.74 16.69 -14.53
CA THR A 415 -5.28 16.67 -14.64
C THR A 415 -4.69 17.96 -14.09
N GLY A 416 -3.90 17.82 -13.03
CA GLY A 416 -3.08 18.89 -12.49
C GLY A 416 -1.74 18.32 -12.09
N LYS A 417 -1.38 17.26 -12.80
CA LYS A 417 -0.22 16.39 -12.67
C LYS A 417 -0.30 15.45 -11.46
N ILE A 418 -1.01 15.86 -10.42
CA ILE A 418 -1.13 14.98 -9.26
C ILE A 418 -2.30 14.04 -9.46
N ALA A 419 -3.16 14.31 -10.44
CA ALA A 419 -4.12 13.34 -10.91
C ALA A 419 -3.59 12.46 -12.03
N ASP A 420 -2.38 12.72 -12.56
CA ASP A 420 -1.98 11.84 -13.66
C ASP A 420 -0.50 11.47 -13.61
N TYR A 421 0.17 11.66 -12.49
CA TYR A 421 1.51 11.12 -12.31
C TYR A 421 1.69 10.40 -10.97
N ASN A 422 0.82 10.63 -9.99
CA ASN A 422 0.92 10.01 -8.68
C ASN A 422 -0.30 9.17 -8.35
N TYR A 423 -1.50 9.72 -8.46
CA TYR A 423 -2.73 9.06 -8.06
C TYR A 423 -3.78 9.29 -9.14
N LYS A 424 -4.51 8.24 -9.49
CA LYS A 424 -5.51 8.32 -10.54
C LYS A 424 -6.80 7.65 -10.09
N LEU A 425 -7.94 8.30 -10.38
CA LEU A 425 -9.28 7.85 -10.06
C LEU A 425 -9.99 7.30 -11.28
N PRO A 426 -10.80 6.25 -11.12
CA PRO A 426 -11.65 5.80 -12.23
C PRO A 426 -12.81 6.76 -12.44
N ASP A 427 -13.37 6.71 -13.66
CA ASP A 427 -14.45 7.61 -14.01
C ASP A 427 -15.72 7.30 -13.23
N ASP A 428 -16.08 6.03 -13.14
CA ASP A 428 -17.30 5.60 -12.43
C ASP A 428 -16.98 5.19 -10.99
N PHE A 429 -16.31 6.10 -10.27
CA PHE A 429 -15.88 5.85 -8.91
C PHE A 429 -16.98 6.21 -7.93
N THR A 430 -17.16 5.35 -6.93
CA THR A 430 -18.19 5.51 -5.91
C THR A 430 -17.53 5.51 -4.53
N GLY A 431 -17.27 6.69 -4.00
CA GLY A 431 -16.59 6.77 -2.72
C GLY A 431 -16.70 8.14 -2.10
N CYS A 432 -15.79 8.41 -1.17
CA CYS A 432 -15.79 9.67 -0.42
C CYS A 432 -14.38 10.17 -0.23
N VAL A 433 -14.26 11.48 -0.01
CA VAL A 433 -12.99 12.18 0.07
C VAL A 433 -12.94 12.99 1.37
N ILE A 434 -11.78 13.00 2.03
CA ILE A 434 -11.61 13.68 3.30
C ILE A 434 -10.38 14.58 3.21
N ALA A 435 -10.40 15.69 3.95
CA ALA A 435 -9.26 16.60 3.94
C ALA A 435 -9.29 17.47 5.19
N TRP A 436 -8.29 17.34 6.05
CA TRP A 436 -8.20 18.13 7.27
C TRP A 436 -7.49 19.44 6.95
N ASN A 437 -7.02 20.13 7.98
CA ASN A 437 -5.84 20.98 7.89
C ASN A 437 -4.80 20.47 8.86
N SER A 438 -3.52 20.63 8.51
CA SER A 438 -2.44 20.14 9.34
C SER A 438 -1.34 21.18 9.47
N ASN A 439 -1.72 22.45 9.63
CA ASN A 439 -0.73 23.51 9.73
C ASN A 439 0.15 23.32 10.97
N ASN A 440 -0.45 22.99 12.11
CA ASN A 440 0.25 22.98 13.38
C ASN A 440 0.79 21.60 13.76
N LEU A 441 0.90 20.70 12.81
CA LEU A 441 1.39 19.35 13.11
C LEU A 441 2.61 18.96 12.33
N ASP A 442 2.70 19.35 11.05
CA ASP A 442 3.85 19.04 10.21
C ASP A 442 4.75 20.25 10.01
N SER A 443 4.54 21.31 10.77
CA SER A 443 5.32 22.53 10.62
C SER A 443 6.75 22.33 11.08
N LYS A 444 7.69 22.93 10.35
CA LYS A 444 9.09 22.97 10.78
C LYS A 444 9.69 24.24 10.22
N VAL A 445 10.32 25.05 11.07
CA VAL A 445 10.87 26.32 10.62
C VAL A 445 11.95 26.09 9.57
N GLY A 446 12.79 25.08 9.77
CA GLY A 446 13.80 24.76 8.76
C GLY A 446 13.19 24.26 7.46
N GLY A 447 12.22 23.37 7.56
CA GLY A 447 11.66 22.71 6.39
C GLY A 447 11.56 21.21 6.57
N ASN A 448 10.39 20.64 6.30
CA ASN A 448 10.16 19.24 6.62
C ASN A 448 10.91 18.32 5.67
N TYR A 449 10.86 18.62 4.37
CA TYR A 449 11.69 17.95 3.36
C TYR A 449 11.46 16.45 3.26
N ASN A 450 10.56 15.89 4.06
CA ASN A 450 10.40 14.45 4.11
C ASN A 450 9.31 13.93 3.19
N TYR A 451 8.56 14.80 2.53
CA TYR A 451 7.49 14.40 1.65
C TYR A 451 7.92 14.58 0.19
N LEU A 452 7.82 13.52 -0.58
CA LEU A 452 8.29 13.51 -1.97
C LEU A 452 7.11 13.32 -2.91
N TYR A 453 7.24 13.90 -4.11
CA TYR A 453 6.24 13.71 -5.16
C TYR A 453 6.95 13.59 -6.49
N ARG A 454 6.35 12.83 -7.40
CA ARG A 454 6.96 12.56 -8.69
C ARG A 454 6.70 13.71 -9.67
N LEU A 455 7.66 13.92 -10.57
CA LEU A 455 7.59 15.06 -11.47
C LEU A 455 7.78 14.66 -12.93
N PHE A 456 8.57 13.62 -13.20
CA PHE A 456 8.89 13.20 -14.55
C PHE A 456 8.44 11.76 -14.78
N ARG A 457 7.83 11.52 -15.94
CA ARG A 457 7.40 10.19 -16.37
C ARG A 457 6.91 10.31 -17.81
N LYS A 458 7.00 9.20 -18.55
CA LYS A 458 6.65 9.19 -19.97
C LYS A 458 5.18 8.92 -20.24
N SER A 459 4.50 8.17 -19.38
CA SER A 459 3.12 7.79 -19.63
C SER A 459 2.27 8.01 -18.40
N ASN A 460 0.99 8.28 -18.62
CA ASN A 460 0.05 8.51 -17.53
C ASN A 460 -0.25 7.20 -16.80
N LEU A 461 -1.14 7.28 -15.82
CA LEU A 461 -1.43 6.16 -14.94
C LEU A 461 -2.88 5.72 -15.08
N LYS A 462 -3.09 4.41 -15.18
CA LYS A 462 -4.40 3.80 -15.06
C LYS A 462 -4.81 3.76 -13.59
N PRO A 463 -6.11 3.63 -13.30
CA PRO A 463 -6.57 3.76 -11.91
C PRO A 463 -5.90 2.77 -10.97
N PHE A 464 -5.55 3.27 -9.79
CA PHE A 464 -4.99 2.47 -8.70
C PHE A 464 -3.69 1.77 -9.12
N GLU A 465 -2.67 2.58 -9.40
CA GLU A 465 -1.34 2.09 -9.74
C GLU A 465 -0.31 2.75 -8.83
N ARG A 466 0.60 1.93 -8.29
CA ARG A 466 1.70 2.40 -7.47
C ARG A 466 3.02 2.22 -8.23
N ASP A 467 3.93 3.18 -8.06
CA ASP A 467 5.25 3.14 -8.68
C ASP A 467 6.26 3.67 -7.67
N ILE A 468 7.05 2.77 -7.10
CA ILE A 468 8.03 3.15 -6.10
C ILE A 468 9.42 2.96 -6.69
N SER A 469 9.50 2.97 -8.02
CA SER A 469 10.76 2.75 -8.73
C SER A 469 11.45 4.09 -8.97
N THR A 470 12.67 4.22 -8.46
CA THR A 470 13.46 5.44 -8.62
C THR A 470 14.41 5.33 -9.81
N GLU A 471 13.90 4.97 -10.97
CA GLU A 471 14.72 4.91 -12.17
C GLU A 471 14.95 6.29 -12.74
N ILE A 472 16.13 6.48 -13.35
CA ILE A 472 16.49 7.78 -13.90
C ILE A 472 15.77 7.98 -15.23
N TYR A 473 15.02 9.07 -15.32
CA TYR A 473 14.18 9.33 -16.50
C TYR A 473 15.03 9.98 -17.59
N GLN A 474 15.17 9.28 -18.71
CA GLN A 474 15.90 9.80 -19.84
C GLN A 474 15.12 10.93 -20.50
N ALA A 475 15.84 11.94 -20.99
CA ALA A 475 15.20 13.04 -21.72
C ALA A 475 16.02 13.46 -22.94
N GLY A 476 16.84 12.56 -23.49
CA GLY A 476 17.69 12.90 -24.61
C GLY A 476 18.00 11.67 -25.43
N SER A 477 18.80 11.88 -26.48
CA SER A 477 19.14 10.79 -27.40
C SER A 477 20.08 9.78 -26.74
N THR A 478 21.12 10.26 -26.08
CA THR A 478 22.15 9.36 -25.58
C THR A 478 21.67 8.60 -24.36
N PRO A 479 21.79 7.28 -24.33
CA PRO A 479 21.54 6.52 -23.09
C PRO A 479 22.61 6.86 -22.06
N CYS A 480 22.17 7.20 -20.85
CA CYS A 480 23.09 7.58 -19.79
C CYS A 480 23.48 6.44 -18.87
N ASN A 481 22.83 5.28 -18.99
CA ASN A 481 23.19 4.09 -18.22
C ASN A 481 23.10 4.34 -16.71
N GLY A 482 22.02 4.97 -16.29
CA GLY A 482 21.84 5.26 -14.87
C GLY A 482 22.84 6.25 -14.31
N VAL A 483 23.08 7.35 -15.03
CA VAL A 483 23.97 8.41 -14.56
C VAL A 483 23.17 9.71 -14.54
N GLU A 484 23.01 10.29 -13.35
CA GLU A 484 22.34 11.57 -13.19
C GLU A 484 23.25 12.69 -13.69
N GLY A 485 23.01 13.18 -14.89
CA GLY A 485 23.88 14.19 -15.46
C GLY A 485 23.18 15.26 -16.26
N PHE A 486 23.71 15.54 -17.46
CA PHE A 486 23.27 16.68 -18.25
C PHE A 486 21.85 16.51 -18.77
N ASN A 487 21.50 15.33 -19.28
CA ASN A 487 20.18 15.11 -19.83
C ASN A 487 19.36 14.09 -19.07
N CYS A 488 19.98 13.30 -18.19
CA CYS A 488 19.27 12.35 -17.36
C CYS A 488 19.01 12.99 -16.00
N TYR A 489 17.76 12.99 -15.56
CA TYR A 489 17.32 13.77 -14.42
C TYR A 489 16.79 12.84 -13.33
N PHE A 490 16.56 13.40 -12.15
CA PHE A 490 15.91 12.65 -11.09
C PHE A 490 14.41 12.94 -11.11
N PRO A 491 13.54 11.93 -11.00
CA PRO A 491 12.10 12.16 -11.18
C PRO A 491 11.34 12.50 -9.90
N LEU A 492 11.99 12.88 -8.80
CA LEU A 492 11.27 13.16 -7.57
C LEU A 492 11.65 14.55 -7.05
N GLN A 493 10.78 15.11 -6.22
CA GLN A 493 11.04 16.41 -5.62
C GLN A 493 10.38 16.48 -4.26
N SER A 494 10.84 17.43 -3.44
CA SER A 494 10.42 17.52 -2.04
C SER A 494 9.63 18.79 -1.79
N TYR A 495 8.53 18.66 -1.04
CA TYR A 495 7.76 19.82 -0.61
C TYR A 495 8.52 20.56 0.47
N GLY A 496 8.68 21.86 0.32
CA GLY A 496 9.28 22.63 1.39
C GLY A 496 8.24 23.23 2.31
N PHE A 497 7.95 22.57 3.43
CA PHE A 497 6.93 23.04 4.35
C PHE A 497 7.57 23.91 5.43
N GLN A 498 6.80 24.88 5.92
CA GLN A 498 7.28 25.82 6.92
C GLN A 498 6.09 26.62 7.45
N PRO A 499 6.20 27.22 8.63
CA PRO A 499 5.03 27.88 9.25
C PRO A 499 4.77 29.31 8.81
N THR A 500 5.68 29.95 8.10
CA THR A 500 5.47 31.33 7.69
C THR A 500 4.66 31.44 6.40
N ASN A 501 4.24 30.32 5.82
CA ASN A 501 3.42 30.35 4.62
C ASN A 501 1.97 30.67 4.99
N GLY A 502 1.08 30.48 4.04
CA GLY A 502 -0.34 30.60 4.32
C GLY A 502 -1.11 29.43 3.75
N VAL A 503 -2.43 29.49 3.79
CA VAL A 503 -3.23 28.45 3.15
C VAL A 503 -2.90 28.44 1.66
N GLY A 504 -2.90 27.24 1.07
CA GLY A 504 -2.48 27.04 -0.29
C GLY A 504 -1.10 26.45 -0.43
N TYR A 505 -0.26 26.60 0.60
CA TYR A 505 1.00 25.88 0.69
C TYR A 505 1.09 24.99 1.92
N GLN A 506 0.21 25.15 2.88
CA GLN A 506 0.24 24.32 4.07
C GLN A 506 -0.20 22.90 3.73
N PRO A 507 0.22 21.90 4.49
CA PRO A 507 -0.06 20.50 4.11
C PRO A 507 -1.46 20.09 4.52
N TYR A 508 -2.23 19.58 3.56
CA TYR A 508 -3.53 19.00 3.82
C TYR A 508 -3.43 17.49 3.71
N ARG A 509 -3.93 16.79 4.71
CA ARG A 509 -4.00 15.34 4.64
C ARG A 509 -5.25 14.94 3.87
N VAL A 510 -5.19 13.77 3.24
CA VAL A 510 -6.31 13.29 2.42
C VAL A 510 -6.50 11.81 2.73
N VAL A 511 -7.76 11.41 2.93
CA VAL A 511 -8.15 10.02 3.08
C VAL A 511 -9.32 9.77 2.13
N VAL A 512 -9.23 8.70 1.34
CA VAL A 512 -10.22 8.38 0.32
C VAL A 512 -10.81 7.02 0.63
N LEU A 513 -12.15 6.95 0.65
CA LEU A 513 -12.88 5.71 0.89
C LEU A 513 -13.49 5.22 -0.40
N SER A 514 -13.32 3.92 -0.68
CA SER A 514 -13.87 3.28 -1.87
C SER A 514 -14.67 2.04 -1.48
N PHE A 515 -15.83 1.85 -2.12
CA PHE A 515 -16.73 0.75 -1.84
C PHE A 515 -16.81 -0.19 -3.03
N GLU A 516 -16.87 -1.50 -2.77
CA GLU A 516 -17.02 -2.49 -3.82
C GLU A 516 -17.85 -3.66 -3.30
N LEU A 517 -18.49 -4.37 -4.23
CA LEU A 517 -19.28 -5.54 -3.91
C LEU A 517 -19.40 -6.42 -5.14
N LEU A 518 -19.25 -7.73 -4.94
CA LEU A 518 -19.39 -8.67 -6.06
C LEU A 518 -19.62 -10.08 -5.53
N HIS A 519 -20.78 -10.65 -5.83
CA HIS A 519 -21.06 -12.08 -5.77
C HIS A 519 -20.73 -12.72 -4.43
N ALA A 520 -20.58 -11.95 -3.36
CA ALA A 520 -20.15 -12.47 -2.08
C ALA A 520 -21.07 -12.03 -0.96
N PRO A 521 -21.14 -12.78 0.13
CA PRO A 521 -21.94 -12.34 1.28
C PRO A 521 -21.45 -11.02 1.83
N ALA A 522 -22.39 -10.17 2.22
CA ALA A 522 -22.05 -8.87 2.76
C ALA A 522 -21.50 -8.99 4.17
N THR A 523 -20.56 -8.10 4.50
CA THR A 523 -19.99 -8.05 5.84
C THR A 523 -20.14 -6.68 6.50
N VAL A 524 -19.95 -5.60 5.74
CA VAL A 524 -20.00 -4.26 6.29
C VAL A 524 -21.43 -3.76 6.24
N CYS A 525 -21.96 -3.34 7.39
CA CYS A 525 -23.34 -2.86 7.46
C CYS A 525 -23.45 -1.75 8.50
N GLY A 526 -24.53 -0.99 8.41
CA GLY A 526 -24.81 0.04 9.38
C GLY A 526 -25.44 -0.52 10.63
N PRO A 527 -25.53 0.32 11.66
CA PRO A 527 -26.08 -0.14 12.95
C PRO A 527 -27.58 0.03 13.05
N LYS A 528 -28.28 -1.04 13.46
CA LYS A 528 -29.73 -1.02 13.56
C LYS A 528 -30.17 -0.59 14.97
N LYS A 529 -31.48 -0.37 15.12
CA LYS A 529 -32.03 0.31 16.27
C LYS A 529 -32.79 -0.65 17.18
N SER A 530 -33.43 -0.09 18.20
CA SER A 530 -34.30 -0.82 19.13
C SER A 530 -35.27 0.18 19.72
N THR A 531 -36.46 -0.29 20.09
CA THR A 531 -37.52 0.67 20.41
C THR A 531 -38.34 0.23 21.62
N ASN A 532 -37.67 -0.21 22.69
CA ASN A 532 -38.28 -0.25 24.02
C ASN A 532 -39.56 -1.09 24.04
N LEU A 533 -39.36 -2.40 23.89
CA LEU A 533 -40.45 -3.38 23.82
C LEU A 533 -41.61 -3.05 24.73
N VAL A 534 -42.81 -3.05 24.16
CA VAL A 534 -44.07 -2.93 24.90
C VAL A 534 -44.90 -4.15 24.56
N LYS A 535 -45.46 -4.80 25.58
CA LYS A 535 -46.10 -6.08 25.38
C LYS A 535 -47.60 -6.08 25.62
N ASN A 536 -48.11 -5.21 26.47
CA ASN A 536 -49.52 -5.27 26.86
C ASN A 536 -50.36 -4.20 26.17
N LYS A 537 -50.12 -3.92 24.90
CA LYS A 537 -50.97 -2.95 24.21
C LYS A 537 -51.23 -3.32 22.75
N CYS A 538 -50.94 -4.55 22.31
CA CYS A 538 -51.43 -5.11 21.04
C CYS A 538 -51.04 -4.23 19.84
N VAL A 539 -49.75 -4.26 19.51
CA VAL A 539 -49.22 -3.38 18.48
C VAL A 539 -48.49 -4.11 17.35
N ASN A 540 -47.87 -3.34 16.46
CA ASN A 540 -47.04 -3.89 15.39
C ASN A 540 -45.79 -4.52 15.98
N PHE A 541 -44.95 -5.09 15.11
CA PHE A 541 -43.64 -5.53 15.55
C PHE A 541 -42.79 -5.94 14.36
N ASN A 542 -41.47 -5.83 14.55
CA ASN A 542 -40.50 -6.34 13.58
C ASN A 542 -39.36 -6.97 14.39
N PHE A 543 -39.49 -8.25 14.71
CA PHE A 543 -38.46 -8.98 15.43
C PHE A 543 -37.47 -9.53 14.41
N ASN A 544 -36.40 -8.77 14.17
CA ASN A 544 -35.26 -9.25 13.40
C ASN A 544 -35.69 -9.74 12.02
N GLY A 545 -36.69 -9.07 11.44
CA GLY A 545 -37.16 -9.41 10.12
C GLY A 545 -38.47 -10.19 10.08
N LEU A 546 -38.99 -10.62 11.23
CA LEU A 546 -40.24 -11.37 11.28
C LEU A 546 -41.40 -10.42 11.57
N THR A 547 -41.66 -9.55 10.60
CA THR A 547 -42.63 -8.48 10.79
C THR A 547 -44.03 -9.05 11.01
N GLY A 548 -44.84 -8.29 11.73
CA GLY A 548 -46.22 -8.70 11.94
C GLY A 548 -46.96 -7.74 12.83
N THR A 549 -48.18 -8.12 13.21
CA THR A 549 -49.05 -7.33 14.05
C THR A 549 -49.75 -8.24 15.06
N GLY A 550 -49.90 -7.79 16.29
CA GLY A 550 -50.63 -8.58 17.26
C GLY A 550 -50.34 -8.11 18.68
N VAL A 551 -50.81 -8.89 19.63
CA VAL A 551 -50.55 -8.64 21.04
C VAL A 551 -49.45 -9.58 21.50
N LEU A 552 -48.58 -9.07 22.37
CA LEU A 552 -47.41 -9.81 22.80
C LEU A 552 -47.53 -10.18 24.28
N THR A 553 -47.03 -11.35 24.64
CA THR A 553 -47.08 -11.75 26.04
C THR A 553 -45.98 -12.76 26.33
N GLU A 554 -45.69 -12.93 27.62
CA GLU A 554 -44.65 -13.82 28.06
C GLU A 554 -45.18 -15.24 28.17
N SER A 555 -44.32 -16.20 27.86
CA SER A 555 -44.72 -17.59 27.76
C SER A 555 -43.93 -18.45 28.73
N ASN A 556 -44.23 -19.75 28.69
CA ASN A 556 -43.53 -20.73 29.50
C ASN A 556 -42.81 -21.78 28.67
N LYS A 557 -42.88 -21.68 27.35
CA LYS A 557 -42.21 -22.63 26.46
C LYS A 557 -40.70 -22.46 26.58
N LYS A 558 -39.98 -23.57 26.65
CA LYS A 558 -38.52 -23.55 26.63
C LYS A 558 -38.04 -24.10 25.30
N PHE A 559 -37.38 -23.27 24.51
CA PHE A 559 -36.92 -23.67 23.20
C PHE A 559 -35.71 -24.57 23.35
N LEU A 560 -35.20 -25.02 22.28
CA LEU A 560 -33.83 -25.45 22.47
C LEU A 560 -32.92 -24.23 22.39
N PRO A 561 -31.74 -24.25 22.98
CA PRO A 561 -30.96 -23.01 23.03
C PRO A 561 -30.19 -22.73 21.75
N PHE A 562 -30.83 -22.95 20.60
CA PHE A 562 -30.41 -22.33 19.35
C PHE A 562 -31.58 -21.93 18.47
N GLN A 563 -32.80 -22.39 18.74
CA GLN A 563 -33.93 -22.11 17.89
C GLN A 563 -34.38 -20.66 18.05
N GLN A 564 -34.90 -20.11 16.96
CA GLN A 564 -35.28 -18.69 16.92
C GLN A 564 -36.77 -18.49 17.10
N PHE A 565 -37.59 -19.07 16.22
CA PHE A 565 -39.03 -18.92 16.31
C PHE A 565 -39.70 -20.24 16.01
N GLY A 566 -40.90 -20.44 16.54
CA GLY A 566 -41.53 -21.73 16.46
C GLY A 566 -42.87 -21.76 15.75
N ARG A 567 -42.94 -22.50 14.65
CA ARG A 567 -44.15 -22.55 13.85
C ARG A 567 -44.77 -23.93 13.85
N VAL B 3 39.84 23.94 -23.58
CA VAL B 3 39.60 25.31 -23.13
C VAL B 3 39.36 26.24 -24.32
N LEU B 4 39.46 27.53 -24.07
CA LEU B 4 39.25 28.54 -25.09
C LEU B 4 39.78 29.86 -24.55
N THR B 5 39.84 30.87 -25.42
CA THR B 5 40.43 32.15 -25.04
C THR B 5 39.70 33.26 -25.77
N GLN B 6 40.21 34.49 -25.59
CA GLN B 6 39.65 35.70 -26.15
C GLN B 6 40.69 36.80 -26.00
N PRO B 7 40.51 37.98 -26.60
CA PRO B 7 41.48 39.06 -26.43
C PRO B 7 41.69 39.40 -24.97
N PRO B 8 42.93 39.63 -24.55
CA PRO B 8 43.21 40.00 -23.15
C PRO B 8 43.30 41.50 -22.89
N SER B 9 43.04 42.34 -23.88
CA SER B 9 43.10 43.78 -23.70
C SER B 9 41.95 44.43 -24.45
N ALA B 10 41.52 45.59 -23.96
CA ALA B 10 40.44 46.34 -24.56
C ALA B 10 40.43 47.75 -23.99
N SER B 11 40.08 48.73 -24.82
CA SER B 11 40.03 50.13 -24.43
C SER B 11 38.67 50.71 -24.79
N GLY B 12 38.32 51.81 -24.13
CA GLY B 12 37.03 52.43 -24.37
C GLY B 12 37.02 53.87 -23.91
N SER B 13 36.03 54.60 -24.40
CA SER B 13 35.80 56.01 -24.09
C SER B 13 34.35 56.22 -23.74
N PRO B 14 34.04 57.20 -22.89
CA PRO B 14 32.64 57.43 -22.50
C PRO B 14 31.76 57.73 -23.72
N GLY B 15 30.54 57.21 -23.68
CA GLY B 15 29.58 57.43 -24.75
C GLY B 15 29.51 56.34 -25.81
N GLN B 16 30.66 55.95 -26.35
CA GLN B 16 30.68 55.06 -27.50
C GLN B 16 30.60 53.59 -27.06
N SER B 17 30.65 52.69 -28.04
CA SER B 17 30.44 51.27 -27.84
C SER B 17 31.61 50.47 -28.38
N VAL B 18 31.92 49.35 -27.69
CA VAL B 18 33.02 48.48 -28.05
C VAL B 18 32.50 47.04 -28.07
N THR B 19 33.21 46.18 -28.77
CA THR B 19 32.88 44.77 -28.87
C THR B 19 33.95 43.93 -28.16
N ILE B 20 33.50 42.97 -27.36
CA ILE B 20 34.40 42.07 -26.64
C ILE B 20 34.00 40.64 -26.99
N SER B 21 34.97 39.84 -27.41
CA SER B 21 34.69 38.55 -28.02
C SER B 21 35.10 37.40 -27.11
N CYS B 22 34.75 36.20 -27.54
CA CYS B 22 35.16 34.96 -26.89
C CYS B 22 35.12 33.88 -27.97
N THR B 23 36.30 33.43 -28.39
CA THR B 23 36.42 32.54 -29.54
C THR B 23 36.20 31.10 -29.10
N GLY B 24 35.24 30.43 -29.75
CA GLY B 24 34.93 29.06 -29.38
C GLY B 24 35.79 28.05 -30.10
N THR B 25 35.75 26.83 -29.59
CA THR B 25 36.45 25.69 -30.16
C THR B 25 35.43 24.83 -30.92
N SER B 26 35.87 23.66 -31.39
CA SER B 26 34.99 22.83 -32.21
C SER B 26 33.75 22.40 -31.46
N ASN B 27 33.92 21.82 -30.27
CA ASN B 27 32.79 21.34 -29.47
C ASN B 27 32.92 21.91 -28.07
N ASP B 28 33.16 23.21 -27.98
CA ASP B 28 33.10 23.93 -26.72
C ASP B 28 31.98 24.97 -26.72
N VAL B 29 31.94 25.84 -27.73
CA VAL B 29 30.91 26.85 -27.85
C VAL B 29 29.92 26.51 -28.94
N GLY B 30 30.41 26.05 -30.10
CA GLY B 30 29.54 25.76 -31.24
C GLY B 30 28.76 24.49 -31.15
N GLY B 31 29.02 23.64 -30.16
CA GLY B 31 28.26 22.43 -30.00
C GLY B 31 26.87 22.69 -29.44
N TYR B 32 26.81 23.22 -28.22
CA TYR B 32 25.57 23.44 -27.52
C TYR B 32 25.43 24.91 -27.15
N ASN B 33 24.20 25.32 -26.85
CA ASN B 33 23.87 26.71 -26.58
C ASN B 33 23.71 26.91 -25.07
N TYR B 34 24.83 27.17 -24.39
CA TYR B 34 24.80 27.44 -22.95
C TYR B 34 25.79 28.53 -22.54
N VAL B 35 26.20 29.38 -23.47
CA VAL B 35 27.21 30.39 -23.18
C VAL B 35 26.65 31.42 -22.21
N SER B 36 27.48 31.83 -21.25
CA SER B 36 27.10 32.84 -20.27
C SER B 36 28.30 33.75 -20.00
N TRP B 37 28.04 35.01 -19.67
CA TRP B 37 29.13 35.94 -19.38
C TRP B 37 28.89 36.64 -18.04
N TYR B 38 30.01 36.82 -17.32
CA TYR B 38 30.05 37.39 -15.98
C TYR B 38 30.97 38.60 -15.95
N GLN B 39 30.74 39.46 -14.96
CA GLN B 39 31.53 40.67 -14.71
C GLN B 39 32.15 40.59 -13.32
N HIS B 40 33.46 40.82 -13.22
CA HIS B 40 34.21 40.54 -12.00
C HIS B 40 34.89 41.79 -11.44
N HIS B 41 34.24 42.46 -10.47
CA HIS B 41 34.89 43.54 -9.75
C HIS B 41 36.14 43.04 -9.03
N PRO B 42 37.07 43.95 -8.68
CA PRO B 42 38.28 43.55 -7.96
C PRO B 42 38.02 43.22 -6.50
N GLY B 43 37.64 41.97 -6.24
CA GLY B 43 37.57 41.45 -4.89
C GLY B 43 36.29 40.75 -4.52
N LYS B 44 35.15 41.29 -4.96
CA LYS B 44 33.86 40.74 -4.58
C LYS B 44 33.55 39.52 -5.45
N ALA B 45 32.32 39.06 -5.39
CA ALA B 45 31.88 37.95 -6.21
C ALA B 45 31.48 38.44 -7.61
N PRO B 46 31.47 37.56 -8.59
CA PRO B 46 30.96 37.92 -9.92
C PRO B 46 29.46 38.22 -9.88
N LYS B 47 28.93 38.57 -11.05
CA LYS B 47 27.52 38.88 -11.22
C LYS B 47 27.12 38.53 -12.65
N LEU B 48 25.95 37.91 -12.82
CA LEU B 48 25.50 37.51 -14.14
C LEU B 48 25.29 38.73 -15.04
N MET B 49 25.98 38.75 -16.17
CA MET B 49 25.70 39.74 -17.20
C MET B 49 24.85 39.20 -18.34
N ILE B 50 24.96 37.90 -18.65
CA ILE B 50 24.15 37.33 -19.73
C ILE B 50 24.17 35.82 -19.61
N TYR B 51 23.04 35.19 -19.94
CA TYR B 51 22.96 33.74 -19.76
C TYR B 51 22.10 33.06 -20.81
N GLU B 52 22.64 31.93 -21.30
CA GLU B 52 22.09 30.86 -22.13
C GLU B 52 21.92 31.09 -23.62
N VAL B 53 21.63 32.30 -24.09
CA VAL B 53 22.07 32.77 -25.41
C VAL B 53 22.39 34.26 -25.28
N THR B 54 21.33 35.04 -25.02
CA THR B 54 21.39 36.47 -24.79
C THR B 54 20.40 36.88 -23.71
N LYS B 55 19.79 35.93 -23.02
CA LYS B 55 18.76 36.22 -22.04
C LYS B 55 19.38 36.96 -20.85
N ARG B 56 18.60 37.85 -20.25
CA ARG B 56 19.12 38.71 -19.23
C ARG B 56 18.20 38.79 -18.01
N PRO B 57 18.74 38.70 -16.80
CA PRO B 57 17.91 38.85 -15.60
C PRO B 57 17.42 40.28 -15.41
N SER B 58 16.68 40.52 -14.34
CA SER B 58 16.17 41.84 -14.02
C SER B 58 17.15 42.58 -13.13
N GLY B 59 17.51 43.81 -13.53
CA GLY B 59 18.46 44.59 -12.80
C GLY B 59 19.56 45.11 -13.71
N VAL B 60 19.97 44.27 -14.65
CA VAL B 60 20.90 44.66 -15.70
C VAL B 60 20.12 45.42 -16.77
N PRO B 61 20.56 46.59 -17.19
CA PRO B 61 19.82 47.33 -18.23
C PRO B 61 19.95 46.66 -19.59
N ASP B 62 19.19 47.19 -20.55
CA ASP B 62 19.20 46.65 -21.91
C ASP B 62 20.47 46.99 -22.68
N ARG B 63 21.31 47.88 -22.16
CA ARG B 63 22.50 48.31 -22.89
C ARG B 63 23.42 47.15 -23.23
N PHE B 64 23.35 46.05 -22.49
CA PHE B 64 24.11 44.86 -22.81
C PHE B 64 23.36 44.01 -23.82
N SER B 65 24.11 43.24 -24.60
CA SER B 65 23.54 42.38 -25.62
C SER B 65 24.50 41.23 -25.88
N GLY B 66 24.22 40.45 -26.90
CA GLY B 66 25.10 39.36 -27.27
C GLY B 66 24.51 38.57 -28.41
N SER B 67 25.28 37.59 -28.87
CA SER B 67 24.88 36.64 -29.89
C SER B 67 26.02 35.65 -30.07
N LYS B 68 25.76 34.61 -30.87
CA LYS B 68 26.71 33.54 -31.13
C LYS B 68 26.84 33.36 -32.64
N SER B 69 28.01 33.64 -33.18
CA SER B 69 28.27 33.51 -34.62
C SER B 69 28.94 32.17 -34.93
N GLY B 70 28.22 31.10 -34.64
CA GLY B 70 28.71 29.76 -34.90
C GLY B 70 29.67 29.28 -33.82
N ASN B 71 30.90 29.81 -33.83
CA ASN B 71 31.92 29.43 -32.87
C ASN B 71 32.53 30.66 -32.20
N THR B 72 31.76 31.73 -32.09
CA THR B 72 32.24 32.97 -31.48
C THR B 72 31.10 33.65 -30.73
N ALA B 73 31.37 34.03 -29.49
CA ALA B 73 30.41 34.80 -28.70
C ALA B 73 30.93 36.22 -28.52
N SER B 74 30.01 37.14 -28.20
CA SER B 74 30.41 38.54 -28.11
C SER B 74 29.48 39.29 -27.16
N LEU B 75 29.98 40.43 -26.69
CA LEU B 75 29.19 41.40 -25.95
C LEU B 75 29.45 42.77 -26.54
N THR B 76 28.42 43.60 -26.57
CA THR B 76 28.51 44.98 -27.03
C THR B 76 27.74 45.87 -26.07
N VAL B 77 28.38 46.92 -25.59
CA VAL B 77 27.77 47.86 -24.65
C VAL B 77 27.62 49.20 -25.37
N SER B 78 26.41 49.45 -25.86
CA SER B 78 26.10 50.71 -26.54
C SER B 78 25.59 51.71 -25.50
N GLY B 79 26.54 52.36 -24.84
CA GLY B 79 26.24 53.28 -23.77
C GLY B 79 27.09 53.00 -22.55
N LEU B 80 27.85 53.99 -22.10
CA LEU B 80 28.86 53.79 -21.07
C LEU B 80 28.66 54.80 -19.95
N GLN B 81 28.63 54.32 -18.71
CA GLN B 81 28.41 55.14 -17.53
C GLN B 81 29.66 55.23 -16.64
N ALA B 82 30.80 54.70 -17.09
CA ALA B 82 32.10 54.77 -16.46
C ALA B 82 32.20 53.97 -15.17
N GLU B 83 31.12 53.33 -14.73
CA GLU B 83 31.18 52.50 -13.54
C GLU B 83 31.63 51.08 -13.83
N ASP B 84 31.78 50.72 -15.09
CA ASP B 84 32.14 49.36 -15.51
C ASP B 84 33.58 49.32 -16.03
N GLU B 85 34.52 49.06 -15.12
CA GLU B 85 35.94 49.02 -15.43
C GLU B 85 36.56 47.64 -15.28
N ALA B 86 35.93 46.74 -14.55
CA ALA B 86 36.52 45.44 -14.27
C ALA B 86 36.47 44.55 -15.51
N ASP B 87 36.92 43.30 -15.34
CA ASP B 87 37.06 42.36 -16.45
C ASP B 87 35.84 41.44 -16.54
N TYR B 88 35.82 40.62 -17.57
CA TYR B 88 34.64 39.84 -17.94
C TYR B 88 35.05 38.44 -18.37
N TYR B 89 34.16 37.47 -18.14
CA TYR B 89 34.46 36.06 -18.38
C TYR B 89 33.35 35.40 -19.17
N CYS B 90 33.73 34.44 -20.01
CA CYS B 90 32.81 33.70 -20.87
C CYS B 90 32.88 32.21 -20.56
N ASN B 91 31.71 31.58 -20.42
CA ASN B 91 31.57 30.19 -20.01
C ASN B 91 30.68 29.45 -20.99
N SER B 92 30.94 28.16 -21.14
CA SER B 92 30.13 27.33 -22.04
C SER B 92 30.23 25.87 -21.62
N TYR B 93 29.25 25.09 -22.06
CA TYR B 93 29.22 23.65 -21.81
C TYR B 93 30.33 22.99 -22.62
N ALA B 94 31.43 22.64 -21.96
CA ALA B 94 32.54 22.01 -22.67
C ALA B 94 32.21 20.60 -23.12
N GLY B 95 31.64 19.81 -22.22
CA GLY B 95 31.25 18.44 -22.53
C GLY B 95 31.52 17.50 -21.38
N SER B 96 30.67 16.48 -21.25
CA SER B 96 30.82 15.43 -20.25
C SER B 96 30.79 15.99 -18.83
N ASN B 97 29.77 16.81 -18.56
CA ASN B 97 29.50 17.33 -17.22
C ASN B 97 30.65 18.18 -16.68
N ASN B 98 31.56 18.59 -17.54
CA ASN B 98 32.70 19.41 -17.16
C ASN B 98 32.67 20.69 -17.99
N TRP B 99 32.87 21.83 -17.33
CA TRP B 99 32.75 23.09 -18.04
C TRP B 99 34.07 23.84 -17.97
N VAL B 100 34.17 24.90 -18.77
CA VAL B 100 35.38 25.68 -18.89
C VAL B 100 35.04 27.16 -18.83
N PHE B 101 35.84 27.92 -18.10
CA PHE B 101 35.75 29.37 -18.13
C PHE B 101 36.74 29.94 -19.14
N GLY B 102 36.94 31.26 -19.10
CA GLY B 102 37.90 31.92 -19.96
C GLY B 102 38.92 32.69 -19.13
N GLY B 103 39.92 33.22 -19.84
CA GLY B 103 40.99 33.92 -19.16
C GLY B 103 40.53 35.22 -18.51
N GLY B 104 39.74 36.00 -19.23
CA GLY B 104 39.32 37.31 -18.77
C GLY B 104 39.93 38.42 -19.62
N THR B 105 39.24 39.56 -19.63
CA THR B 105 39.64 40.69 -20.45
C THR B 105 39.37 41.98 -19.68
N LYS B 106 40.44 42.68 -19.31
CA LYS B 106 40.28 43.96 -18.62
C LYS B 106 39.71 44.99 -19.57
N LEU B 107 38.73 45.76 -19.08
CA LEU B 107 38.07 46.80 -19.87
C LEU B 107 38.60 48.15 -19.42
N THR B 108 39.23 48.87 -20.34
CA THR B 108 39.85 50.16 -20.02
C THR B 108 38.98 51.30 -20.54
N VAL B 109 38.74 52.29 -19.69
CA VAL B 109 38.07 53.52 -20.09
C VAL B 109 39.08 54.65 -20.00
N LEU B 110 38.88 55.68 -20.81
CA LEU B 110 39.76 56.85 -20.78
C LEU B 110 39.40 57.82 -19.66
N GLY B 111 38.31 57.59 -18.94
CA GLY B 111 37.87 58.48 -17.89
C GLY B 111 38.86 58.66 -16.76
N GLN C 1 16.36 37.42 2.29
CA GLN C 1 16.06 36.85 0.99
C GLN C 1 17.03 35.72 0.63
N VAL C 2 17.18 35.45 -0.67
CA VAL C 2 18.05 34.37 -1.12
C VAL C 2 19.49 34.73 -0.79
N GLN C 3 20.08 34.04 0.18
CA GLN C 3 21.42 34.36 0.63
C GLN C 3 22.26 33.10 0.81
N LEU C 4 23.54 33.20 0.49
CA LEU C 4 24.53 32.18 0.78
C LEU C 4 25.63 32.78 1.62
N VAL C 5 25.98 32.11 2.72
CA VAL C 5 27.04 32.55 3.62
C VAL C 5 28.11 31.47 3.68
N GLN C 6 29.36 31.87 3.47
CA GLN C 6 30.48 30.95 3.45
C GLN C 6 31.33 31.15 4.70
N SER C 7 32.12 30.14 5.03
CA SER C 7 32.85 30.11 6.29
C SER C 7 34.06 31.04 6.26
N GLY C 8 34.83 31.02 7.33
CA GLY C 8 35.96 31.92 7.49
C GLY C 8 37.22 31.43 6.80
N ALA C 9 38.31 32.15 7.06
CA ALA C 9 39.58 31.88 6.42
C ALA C 9 40.20 30.58 6.95
N GLU C 10 41.30 30.16 6.34
CA GLU C 10 41.95 28.93 6.76
C GLU C 10 43.40 28.92 6.30
N VAL C 11 44.29 28.52 7.22
CA VAL C 11 45.69 28.32 6.93
C VAL C 11 46.06 26.90 7.35
N LYS C 12 46.64 26.14 6.42
CA LYS C 12 47.01 24.75 6.66
C LYS C 12 48.46 24.54 6.24
N LYS C 13 48.93 23.31 6.39
CA LYS C 13 50.29 22.90 6.10
C LYS C 13 50.28 21.86 4.98
N PRO C 14 51.41 21.65 4.30
CA PRO C 14 51.47 20.61 3.28
C PRO C 14 51.15 19.24 3.86
N GLY C 15 50.49 18.41 3.06
CA GLY C 15 50.07 17.11 3.52
C GLY C 15 48.86 17.12 4.43
N ALA C 16 48.16 18.25 4.54
CA ALA C 16 46.97 18.36 5.37
C ALA C 16 45.73 18.49 4.50
N SER C 17 44.57 18.44 5.16
CA SER C 17 43.28 18.53 4.50
C SER C 17 42.52 19.76 5.00
N VAL C 18 41.68 20.32 4.15
CA VAL C 18 40.89 21.50 4.44
C VAL C 18 39.45 21.21 4.05
N LYS C 19 38.51 21.86 4.75
CA LYS C 19 37.10 21.64 4.53
C LYS C 19 36.34 22.94 4.82
N VAL C 20 35.48 23.33 3.88
CA VAL C 20 34.77 24.60 3.92
C VAL C 20 33.27 24.31 3.81
N SER C 21 32.46 25.24 4.32
CA SER C 21 31.01 25.08 4.37
C SER C 21 30.32 26.28 3.76
N CYS C 22 29.16 26.01 3.15
CA CYS C 22 28.35 27.03 2.48
C CYS C 22 26.91 26.82 2.92
N ARG C 23 26.28 27.86 3.47
CA ARG C 23 24.97 27.77 4.09
C ARG C 23 23.95 28.62 3.35
N ALA C 24 22.76 28.07 3.13
CA ALA C 24 21.74 28.67 2.30
C ALA C 24 20.54 29.10 3.13
N SER C 25 20.16 30.37 3.01
CA SER C 25 18.99 30.90 3.69
C SER C 25 18.05 31.53 2.67
N GLY C 26 16.76 31.44 2.94
CA GLY C 26 15.77 31.85 1.97
C GLY C 26 15.02 30.71 1.34
N TYR C 27 15.40 30.34 0.11
CA TYR C 27 14.66 29.40 -0.70
C TYR C 27 14.57 28.00 -0.08
N THR C 28 13.83 27.11 -0.74
CA THR C 28 13.77 25.72 -0.32
C THR C 28 15.00 24.99 -0.82
N PHE C 29 15.77 24.42 0.12
CA PHE C 29 17.13 23.98 -0.20
C PHE C 29 17.14 22.96 -1.33
N THR C 30 16.35 21.90 -1.21
CA THR C 30 16.34 20.88 -2.25
C THR C 30 15.73 21.44 -3.53
N GLY C 31 16.41 21.23 -4.65
CA GLY C 31 15.87 21.65 -5.92
C GLY C 31 16.77 22.57 -6.73
N TYR C 32 18.05 22.63 -6.38
CA TYR C 32 19.00 23.43 -7.13
C TYR C 32 20.38 22.81 -6.96
N TYR C 33 21.00 22.39 -8.06
CA TYR C 33 22.37 21.90 -7.97
C TYR C 33 23.31 23.02 -7.55
N ILE C 34 24.46 22.65 -7.01
CA ILE C 34 25.41 23.62 -6.48
C ILE C 34 26.80 23.35 -7.04
N HIS C 35 27.43 24.40 -7.56
CA HIS C 35 28.76 24.31 -8.16
C HIS C 35 29.79 24.95 -7.23
N TRP C 36 31.03 24.48 -7.34
CA TRP C 36 32.15 25.11 -6.65
C TRP C 36 33.11 25.68 -7.68
N VAL C 37 33.72 26.83 -7.37
CA VAL C 37 34.63 27.49 -8.30
C VAL C 37 35.87 27.97 -7.55
N ARG C 38 37.01 27.94 -8.23
CA ARG C 38 38.27 28.37 -7.63
C ARG C 38 38.92 29.46 -8.47
N GLN C 39 39.45 30.48 -7.79
CA GLN C 39 40.18 31.57 -8.43
C GLN C 39 41.58 31.64 -7.84
N ALA C 40 42.58 31.51 -8.70
CA ALA C 40 43.97 31.65 -8.30
C ALA C 40 44.35 33.13 -8.24
N PRO C 41 45.35 33.49 -7.43
CA PRO C 41 45.75 34.89 -7.35
C PRO C 41 46.46 35.36 -8.61
N GLY C 42 45.79 36.17 -9.41
CA GLY C 42 46.35 36.70 -10.64
C GLY C 42 46.04 35.88 -11.88
N GLN C 43 45.61 34.64 -11.73
CA GLN C 43 45.26 33.80 -12.86
C GLN C 43 43.77 33.94 -13.16
N GLY C 44 43.24 33.08 -14.02
CA GLY C 44 41.84 33.10 -14.35
C GLY C 44 41.04 32.12 -13.50
N LEU C 45 39.72 32.21 -13.63
CA LEU C 45 38.84 31.30 -12.92
C LEU C 45 38.89 29.91 -13.52
N GLU C 46 38.53 28.92 -12.72
CA GLU C 46 38.47 27.53 -13.15
C GLU C 46 37.24 26.89 -12.54
N TRP C 47 36.87 25.73 -13.07
CA TRP C 47 35.70 25.01 -12.58
C TRP C 47 36.14 23.85 -11.71
N MET C 48 35.36 23.57 -10.66
CA MET C 48 35.72 22.57 -9.65
C MET C 48 34.85 21.33 -9.75
N GLY C 49 33.54 21.48 -9.65
CA GLY C 49 32.63 20.35 -9.72
C GLY C 49 31.31 20.69 -9.08
N TRP C 50 30.33 19.82 -9.30
CA TRP C 50 28.99 20.11 -8.84
C TRP C 50 28.41 18.96 -8.03
N SER C 51 27.44 19.30 -7.19
CA SER C 51 26.76 18.34 -6.33
C SER C 51 25.28 18.65 -6.30
N SER C 52 24.50 17.68 -5.85
CA SER C 52 23.05 17.78 -5.79
C SER C 52 22.57 17.55 -4.36
N PRO C 53 21.63 18.36 -3.86
CA PRO C 53 21.20 18.21 -2.47
C PRO C 53 20.07 17.23 -2.25
N ILE C 54 19.45 16.71 -3.31
CA ILE C 54 18.28 15.84 -3.16
C ILE C 54 18.66 14.37 -3.20
N SER C 55 19.54 13.97 -4.12
CA SER C 55 19.92 12.57 -4.25
C SER C 55 21.27 12.26 -3.62
N GLY C 56 22.30 13.04 -3.98
CA GLY C 56 23.63 12.81 -3.47
C GLY C 56 24.63 12.63 -4.58
N ALA C 57 24.14 12.46 -5.80
CA ALA C 57 25.01 12.30 -6.95
C ALA C 57 25.88 13.54 -7.13
N THR C 58 27.12 13.31 -7.57
CA THR C 58 28.13 14.35 -7.58
C THR C 58 29.05 14.10 -8.76
N ASN C 59 29.71 15.16 -9.23
CA ASN C 59 30.70 14.95 -10.28
C ASN C 59 31.76 16.03 -10.20
N TYR C 60 32.96 15.69 -10.68
CA TYR C 60 34.14 16.54 -10.60
C TYR C 60 34.57 16.97 -11.99
N THR C 61 35.71 17.66 -12.03
CA THR C 61 36.40 17.92 -13.28
C THR C 61 37.45 16.83 -13.52
N GLN C 62 38.04 16.85 -14.72
CA GLN C 62 38.93 15.77 -15.11
C GLN C 62 40.21 15.75 -14.29
N LYS C 63 40.76 16.92 -13.96
CA LYS C 63 42.05 16.93 -13.26
C LYS C 63 41.88 16.76 -11.75
N PHE C 64 40.76 17.22 -11.19
CA PHE C 64 40.50 17.08 -9.76
C PHE C 64 39.67 15.83 -9.48
N GLN C 65 40.30 14.67 -9.69
CA GLN C 65 39.61 13.39 -9.54
C GLN C 65 40.01 12.62 -8.29
N GLY C 66 41.12 12.98 -7.65
CA GLY C 66 41.66 12.14 -6.60
C GLY C 66 41.40 12.57 -5.17
N ARG C 67 41.61 13.86 -4.87
CA ARG C 67 41.73 14.27 -3.48
C ARG C 67 40.63 15.26 -3.07
N VAL C 68 39.44 15.12 -3.63
CA VAL C 68 38.35 16.07 -3.38
C VAL C 68 37.09 15.30 -3.03
N THR C 69 36.42 15.73 -1.97
CA THR C 69 35.13 15.19 -1.58
C THR C 69 34.21 16.36 -1.23
N LEU C 70 32.91 16.11 -1.29
CA LEU C 70 31.94 17.18 -1.05
C LEU C 70 30.55 16.61 -0.83
N THR C 71 29.92 17.02 0.26
CA THR C 71 28.67 16.44 0.74
C THR C 71 27.68 17.55 1.06
N THR C 72 26.47 17.15 1.44
CA THR C 72 25.36 18.08 1.70
C THR C 72 24.54 17.56 2.87
N ASP C 73 24.41 18.36 3.92
CA ASP C 73 23.64 17.98 5.10
C ASP C 73 22.26 18.64 5.03
N THR C 74 21.30 17.92 4.45
CA THR C 74 20.00 18.50 4.17
C THR C 74 19.09 18.52 5.39
N SER C 75 19.63 18.93 6.52
CA SER C 75 18.81 19.12 7.71
C SER C 75 19.01 20.50 8.33
N ILE C 76 20.22 21.04 8.26
CA ILE C 76 20.52 22.37 8.76
C ILE C 76 20.94 23.30 7.61
N ASN C 77 20.65 22.92 6.38
CA ASN C 77 20.87 23.75 5.20
C ASN C 77 22.35 24.13 5.05
N THR C 78 23.16 23.12 4.77
CA THR C 78 24.58 23.37 4.55
C THR C 78 25.17 22.36 3.57
N ALA C 79 26.24 22.78 2.90
CA ALA C 79 27.00 21.92 2.01
C ALA C 79 28.49 22.10 2.27
N TYR C 80 29.23 20.99 2.33
CA TYR C 80 30.64 20.99 2.67
C TYR C 80 31.48 20.51 1.50
N MET C 81 32.70 21.04 1.41
CA MET C 81 33.69 20.58 0.43
C MET C 81 35.05 20.47 1.11
N GLU C 82 35.72 19.34 0.89
CA GLU C 82 37.01 19.05 1.51
C GLU C 82 38.02 18.67 0.44
N LEU C 83 39.13 19.40 0.42
CA LEU C 83 40.29 19.10 -0.42
C LEU C 83 41.44 18.68 0.48
N SER C 84 42.04 17.53 0.20
CA SER C 84 43.08 16.97 1.04
C SER C 84 44.42 16.97 0.32
N ARG C 85 45.50 16.95 1.11
CA ARG C 85 46.86 16.79 0.60
C ARG C 85 47.21 17.91 -0.40
N LEU C 86 47.27 19.12 0.15
CA LEU C 86 47.42 20.33 -0.65
C LEU C 86 48.89 20.60 -0.92
N ARG C 87 49.22 20.82 -2.19
CA ARG C 87 50.52 21.35 -2.53
C ARG C 87 50.58 22.82 -2.14
N PRO C 88 51.77 23.35 -1.86
CA PRO C 88 51.86 24.77 -1.48
C PRO C 88 51.42 25.73 -2.56
N ASP C 89 51.38 25.29 -3.83
CA ASP C 89 51.01 26.17 -4.92
C ASP C 89 49.50 26.27 -5.13
N ASP C 90 48.70 25.57 -4.32
CA ASP C 90 47.25 25.62 -4.45
C ASP C 90 46.63 26.73 -3.62
N THR C 91 47.38 27.78 -3.30
CA THR C 91 46.80 28.94 -2.63
C THR C 91 45.87 29.65 -3.59
N ALA C 92 44.61 29.79 -3.21
CA ALA C 92 43.57 30.33 -4.08
C ALA C 92 42.37 30.69 -3.22
N VAL C 93 41.26 31.03 -3.87
CA VAL C 93 40.02 31.35 -3.18
C VAL C 93 38.89 30.49 -3.75
N TYR C 94 38.00 30.03 -2.87
CA TYR C 94 36.94 29.10 -3.21
C TYR C 94 35.58 29.77 -3.03
N TYR C 95 34.70 29.55 -4.01
CA TYR C 95 33.36 30.14 -4.01
C TYR C 95 32.34 29.02 -4.19
N CYS C 96 31.20 29.16 -3.52
CA CYS C 96 30.05 28.29 -3.74
C CYS C 96 29.01 29.06 -4.53
N ALA C 97 28.53 28.46 -5.63
CA ALA C 97 27.59 29.12 -6.52
C ALA C 97 26.35 28.26 -6.67
N ARG C 98 25.19 28.91 -6.64
CA ARG C 98 23.91 28.24 -6.78
C ARG C 98 23.39 28.38 -8.20
N ASP C 99 22.84 27.29 -8.73
CA ASP C 99 22.18 27.34 -10.02
C ASP C 99 20.79 27.95 -9.87
N ILE C 100 20.18 28.32 -11.00
CA ILE C 100 18.86 28.95 -10.97
C ILE C 100 17.80 28.13 -11.69
N ALA C 101 18.09 26.88 -12.02
CA ALA C 101 17.08 26.02 -12.62
C ALA C 101 16.16 25.45 -11.55
N PHE C 102 15.40 24.43 -11.91
CA PHE C 102 14.55 23.69 -10.96
C PHE C 102 14.76 22.21 -11.24
N ALA C 103 15.58 21.56 -10.41
CA ALA C 103 15.95 20.17 -10.60
C ALA C 103 16.61 19.94 -11.96
N ILE C 104 17.36 20.92 -12.45
CA ILE C 104 18.11 20.79 -13.69
C ILE C 104 19.47 21.40 -13.49
N VAL C 105 20.47 20.88 -14.21
CA VAL C 105 21.78 21.50 -14.30
C VAL C 105 21.77 22.44 -15.49
N THR C 106 21.86 23.74 -15.23
CA THR C 106 21.74 24.74 -16.28
C THR C 106 22.98 25.61 -16.39
N GLY C 107 23.45 26.18 -15.29
CA GLY C 107 24.75 26.82 -15.27
C GLY C 107 24.78 28.31 -14.99
N SER C 108 23.66 29.00 -14.89
CA SER C 108 23.69 30.42 -14.56
C SER C 108 23.90 30.54 -13.06
N LEU C 109 25.15 30.78 -12.66
CA LEU C 109 25.52 30.77 -11.25
C LEU C 109 25.15 32.10 -10.61
N ASP C 110 24.09 32.11 -9.81
CA ASP C 110 23.68 33.30 -9.07
C ASP C 110 22.71 32.86 -7.97
N PRO C 111 22.91 33.29 -6.71
CA PRO C 111 23.96 34.20 -6.23
C PRO C 111 25.21 33.51 -5.72
N TRP C 112 26.30 34.25 -5.64
CA TRP C 112 27.56 33.75 -5.12
C TRP C 112 27.72 34.18 -3.68
N GLY C 113 28.60 33.47 -2.96
CA GLY C 113 28.81 33.75 -1.56
C GLY C 113 29.74 34.93 -1.35
N GLN C 114 30.68 34.81 -0.42
CA GLN C 114 31.65 35.86 -0.18
C GLN C 114 33.05 35.44 -0.60
N GLY C 115 33.49 34.24 -0.24
CA GLY C 115 34.81 33.77 -0.67
C GLY C 115 35.74 33.52 0.50
N THR C 116 36.27 32.31 0.54
CA THR C 116 37.25 31.94 1.55
C THR C 116 38.65 32.12 0.99
N LEU C 117 39.59 32.49 1.86
CA LEU C 117 41.00 32.57 1.51
C LEU C 117 41.73 31.43 2.21
N VAL C 118 42.36 30.57 1.44
CA VAL C 118 43.09 29.41 1.96
C VAL C 118 44.58 29.62 1.70
N THR C 119 45.39 29.38 2.72
CA THR C 119 46.83 29.56 2.60
C THR C 119 47.54 28.31 3.08
N VAL C 120 48.37 27.72 2.22
CA VAL C 120 49.16 26.54 2.55
C VAL C 120 50.62 26.85 2.25
N SER C 121 51.48 26.66 3.25
CA SER C 121 52.91 26.89 3.10
C SER C 121 53.65 26.00 4.07
N SER C 122 54.95 25.85 3.83
CA SER C 122 55.78 24.96 4.64
C SER C 122 56.27 25.62 5.93
N ALA C 123 55.90 26.87 6.18
CA ALA C 123 56.30 27.55 7.41
C ALA C 123 55.65 26.90 8.64
#